data_100D
# 
_entry.id   100D 
# 
_audit_conform.dict_name       mmcif_pdbx.dic 
_audit_conform.dict_version    5.381 
_audit_conform.dict_location   http://mmcif.pdb.org/dictionaries/ascii/mmcif_pdbx.dic 
# 
loop_
_database_2.database_id 
_database_2.database_code 
_database_2.pdbx_database_accession 
_database_2.pdbx_DOI 
PDB   100D         pdb_0000100d 10.2210/pdb100d/pdb 
RCSB  AHJ060       ?            ?                   
WWPDB D_1000170001 ?            ?                   
# 
_pdbx_database_status.status_code                     REL 
_pdbx_database_status.entry_id                        100D 
_pdbx_database_status.recvd_initial_deposition_date   1994-12-05 
_pdbx_database_status.deposit_site                    BNL 
_pdbx_database_status.process_site                    NDB 
_pdbx_database_status.status_code_sf                  REL 
_pdbx_database_status.status_code_mr                  ? 
_pdbx_database_status.SG_entry                        ? 
_pdbx_database_status.pdb_format_compatible           Y 
_pdbx_database_status.status_code_cs                  ? 
_pdbx_database_status.status_code_nmr_data            ? 
_pdbx_database_status.methods_development_category    ? 
# 
loop_
_audit_author.name 
_audit_author.pdbx_ordinal 
'Ban, C.'           1 
'Ramakrishnan, B.'  2 
'Sundaralingam, M.' 3 
# 
_citation.id                        primary 
_citation.title                     
;Crystal structure of the highly distorted chimeric decamer r(C)d(CGGCGCCG)r(G).spermine complex--spermine binding to phosphate only and minor groove tertiary base-pairing.
;
_citation.journal_abbrev            'Nucleic Acids Res.' 
_citation.journal_volume            22 
_citation.page_first                5466 
_citation.page_last                 5476 
_citation.year                      1994 
_citation.journal_id_ASTM           NARHAD 
_citation.country                   UK 
_citation.journal_id_ISSN           0305-1048 
_citation.journal_id_CSD            0389 
_citation.book_publisher            ? 
_citation.pdbx_database_id_PubMed   7816639 
_citation.pdbx_database_id_DOI      10.1093/nar/22.24.5466 
# 
loop_
_citation_author.citation_id 
_citation_author.name 
_citation_author.ordinal 
_citation_author.identifier_ORCID 
primary 'Ban, C.'           1 ? 
primary 'Ramakrishnan, B.'  2 ? 
primary 'Sundaralingam, M.' 3 ? 
# 
_cell.entry_id           100D 
_cell.length_a           23.980 
_cell.length_b           40.770 
_cell.length_c           44.840 
_cell.angle_alpha        90.00 
_cell.angle_beta         90.00 
_cell.angle_gamma        90.00 
_cell.Z_PDB              8 
_cell.pdbx_unique_axis   ? 
# 
_symmetry.entry_id                         100D 
_symmetry.space_group_name_H-M             'P 21 21 21' 
_symmetry.pdbx_full_space_group_name_H-M   ? 
_symmetry.cell_setting                     ? 
_symmetry.Int_Tables_number                19 
# 
loop_
_entity.id 
_entity.type 
_entity.src_method 
_entity.pdbx_description 
_entity.formula_weight 
_entity.pdbx_number_of_molecules 
_entity.pdbx_ec 
_entity.pdbx_mutation 
_entity.pdbx_fragment 
_entity.details 
1 polymer     syn 
;DNA/RNA (5'-R(*CP*)-D(*CP*GP*GP*CP*GP*CP*CP*GP*)-R(*G)-3')
;
3078.980 2  ? ? ? ? 
2 non-polymer syn SPERMINE                                                     202.340  1  ? ? ? ? 
3 water       nat water                                                        18.015   67 ? ? ? ? 
# 
_entity_poly.entity_id                      1 
_entity_poly.type                           'polydeoxyribonucleotide/polyribonucleotide hybrid' 
_entity_poly.nstd_linkage                   no 
_entity_poly.nstd_monomer                   no 
_entity_poly.pdbx_seq_one_letter_code       'C(DC)(DG)(DG)(DC)(DG)(DC)(DC)(DG)G' 
_entity_poly.pdbx_seq_one_letter_code_can   CCGGCGCCGG 
_entity_poly.pdbx_strand_id                 A,B 
_entity_poly.pdbx_target_identifier         ? 
# 
loop_
_entity_poly_seq.entity_id 
_entity_poly_seq.num 
_entity_poly_seq.mon_id 
_entity_poly_seq.hetero 
1 1  C  n 
1 2  DC n 
1 3  DG n 
1 4  DG n 
1 5  DC n 
1 6  DG n 
1 7  DC n 
1 8  DC n 
1 9  DG n 
1 10 G  n 
# 
_struct_ref.id                         1 
_struct_ref.entity_id                  1 
_struct_ref.db_name                    PDB 
_struct_ref.db_code                    100D 
_struct_ref.pdbx_db_accession          100D 
_struct_ref.pdbx_db_isoform            ? 
_struct_ref.pdbx_seq_one_letter_code   ? 
_struct_ref.pdbx_align_begin           ? 
# 
loop_
_struct_ref_seq.align_id 
_struct_ref_seq.ref_id 
_struct_ref_seq.pdbx_PDB_id_code 
_struct_ref_seq.pdbx_strand_id 
_struct_ref_seq.seq_align_beg 
_struct_ref_seq.pdbx_seq_align_beg_ins_code 
_struct_ref_seq.seq_align_end 
_struct_ref_seq.pdbx_seq_align_end_ins_code 
_struct_ref_seq.pdbx_db_accession 
_struct_ref_seq.db_align_beg 
_struct_ref_seq.pdbx_db_align_beg_ins_code 
_struct_ref_seq.db_align_end 
_struct_ref_seq.pdbx_db_align_end_ins_code 
_struct_ref_seq.pdbx_auth_seq_align_beg 
_struct_ref_seq.pdbx_auth_seq_align_end 
1 1 100D A 1 ? 10 ? 100D 1  ? 10 ? 1  10 
2 1 100D B 1 ? 10 ? 100D 11 ? 20 ? 11 20 
# 
loop_
_chem_comp.id 
_chem_comp.type 
_chem_comp.mon_nstd_flag 
_chem_comp.name 
_chem_comp.pdbx_synonyms 
_chem_comp.formula 
_chem_comp.formula_weight 
C   'RNA linking' y "CYTIDINE-5'-MONOPHOSPHATE"          ? 'C9 H14 N3 O8 P'  323.197 
DC  'DNA linking' y "2'-DEOXYCYTIDINE-5'-MONOPHOSPHATE"  ? 'C9 H14 N3 O7 P'  307.197 
DG  'DNA linking' y "2'-DEOXYGUANOSINE-5'-MONOPHOSPHATE" ? 'C10 H14 N5 O7 P' 347.221 
G   'RNA linking' y "GUANOSINE-5'-MONOPHOSPHATE"         ? 'C10 H14 N5 O8 P' 363.221 
HOH non-polymer   . WATER                                ? 'H2 O'            18.015  
SPM non-polymer   . SPERMINE                             ? 'C10 H26 N4'      202.340 
# 
_exptl.entry_id          100D 
_exptl.method            'X-RAY DIFFRACTION' 
_exptl.crystals_number   ? 
# 
_exptl_crystal.id                    1 
_exptl_crystal.density_meas          ? 
_exptl_crystal.density_Matthews      1.78 
_exptl_crystal.density_percent_sol   30.89 
_exptl_crystal.description           ? 
# 
_exptl_crystal_grow.crystal_id      1 
_exptl_crystal_grow.method          'VAPOR DIFFUSION, HANGING DROP' 
_exptl_crystal_grow.temp            ? 
_exptl_crystal_grow.temp_details    ? 
_exptl_crystal_grow.pH              7.00 
_exptl_crystal_grow.pdbx_details    'pH 7.00, VAPOR DIFFUSION, HANGING DROP' 
_exptl_crystal_grow.pdbx_pH_range   ? 
# 
loop_
_exptl_crystal_grow_comp.crystal_id 
_exptl_crystal_grow_comp.id 
_exptl_crystal_grow_comp.sol_id 
_exptl_crystal_grow_comp.name 
_exptl_crystal_grow_comp.volume 
_exptl_crystal_grow_comp.conc 
_exptl_crystal_grow_comp.details 
1 1 1 WATER           ? ? ? 
1 2 1 MPD             ? ? ? 
1 3 1 'NA CACODYLATE' ? ? ? 
1 4 1 SPERMINE_HCL    ? ? ? 
1 5 2 WATER           ? ? ? 
1 6 2 MPD             ? ? ? 
# 
_diffrn.id                     1 
_diffrn.ambient_temp           263.00 
_diffrn.ambient_temp_details   ? 
_diffrn.crystal_id             1 
# 
_diffrn_detector.diffrn_id              1 
_diffrn_detector.detector               'AREA DETECTOR' 
_diffrn_detector.type                   SIEMENS-NICOLET 
_diffrn_detector.pdbx_collection_date   ? 
_diffrn_detector.details                ? 
# 
_diffrn_radiation.diffrn_id                        1 
_diffrn_radiation.wavelength_id                    1 
_diffrn_radiation.pdbx_monochromatic_or_laue_m_l   ? 
_diffrn_radiation.monochromator                    ? 
_diffrn_radiation.pdbx_diffrn_protocol             ? 
_diffrn_radiation.pdbx_scattering_type             x-ray 
# 
_diffrn_radiation_wavelength.id           1 
_diffrn_radiation_wavelength.wavelength   . 
_diffrn_radiation_wavelength.wt           1.0 
# 
_diffrn_source.diffrn_id                   1 
_diffrn_source.source                      'ROTATING ANODE' 
_diffrn_source.type                        MACSCIENCE 
_diffrn_source.pdbx_synchrotron_site       ? 
_diffrn_source.pdbx_synchrotron_beamline   ? 
_diffrn_source.pdbx_wavelength             ? 
_diffrn_source.pdbx_wavelength_list        ? 
# 
_reflns.entry_id                     100D 
_reflns.observed_criterion_sigma_I   ? 
_reflns.observed_criterion_sigma_F   ? 
_reflns.d_resolution_low             ? 
_reflns.d_resolution_high            1.900 
_reflns.number_obs                   2365 
_reflns.number_all                   9305 
_reflns.percent_possible_obs         ? 
_reflns.pdbx_Rmerge_I_obs            ? 
_reflns.pdbx_Rsym_value              ? 
_reflns.pdbx_netI_over_sigmaI        ? 
_reflns.B_iso_Wilson_estimate        ? 
_reflns.pdbx_redundancy              ? 
_reflns.pdbx_diffrn_id               1 
_reflns.pdbx_ordinal                 1 
# 
_refine.entry_id                                 100D 
_refine.ls_number_reflns_obs                     2314 
_refine.ls_number_reflns_all                     ? 
_refine.pdbx_ls_sigma_I                          ? 
_refine.pdbx_ls_sigma_F                          1.000 
_refine.pdbx_data_cutoff_high_absF               ? 
_refine.pdbx_data_cutoff_low_absF                ? 
_refine.pdbx_data_cutoff_high_rms_absF           ? 
_refine.ls_d_res_low                             8.000 
_refine.ls_d_res_high                            1.900 
_refine.ls_percent_reflns_obs                    ? 
_refine.ls_R_factor_obs                          0.1450000 
_refine.ls_R_factor_all                          ? 
_refine.ls_R_factor_R_work                       0.1450000 
_refine.ls_R_factor_R_free                       ? 
_refine.ls_R_factor_R_free_error                 ? 
_refine.ls_R_factor_R_free_error_details         ? 
_refine.ls_percent_reflns_R_free                 ? 
_refine.ls_number_reflns_R_free                  ? 
_refine.ls_number_parameters                     ? 
_refine.ls_number_restraints                     ? 
_refine.occupancy_min                            ? 
_refine.occupancy_max                            ? 
_refine.B_iso_mean                               ? 
_refine.aniso_B[1][1]                            ? 
_refine.aniso_B[2][2]                            ? 
_refine.aniso_B[3][3]                            ? 
_refine.aniso_B[1][2]                            ? 
_refine.aniso_B[1][3]                            ? 
_refine.aniso_B[2][3]                            ? 
_refine.solvent_model_details                    ? 
_refine.solvent_model_param_ksol                 ? 
_refine.solvent_model_param_bsol                 ? 
_refine.pdbx_ls_cross_valid_method               ? 
_refine.details                                  ? 
_refine.pdbx_starting_model                      ? 
_refine.pdbx_method_to_determine_struct          ? 
_refine.pdbx_isotropic_thermal_model             ? 
_refine.pdbx_stereochemistry_target_values       ? 
_refine.pdbx_stereochem_target_val_spec_case     ? 
_refine.pdbx_R_Free_selection_details            ? 
_refine.pdbx_overall_ESU_R                       ? 
_refine.pdbx_overall_ESU_R_Free                  ? 
_refine.overall_SU_ML                            ? 
_refine.overall_SU_B                             ? 
_refine.pdbx_refine_id                           'X-RAY DIFFRACTION' 
_refine.pdbx_diffrn_id                           1 
_refine.pdbx_TLS_residual_ADP_flag               ? 
_refine.correlation_coeff_Fo_to_Fc               ? 
_refine.correlation_coeff_Fo_to_Fc_free          ? 
_refine.pdbx_solvent_vdw_probe_radii             ? 
_refine.pdbx_solvent_ion_probe_radii             ? 
_refine.pdbx_solvent_shrinkage_radii             ? 
_refine.pdbx_overall_phase_error                 ? 
_refine.overall_SU_R_Cruickshank_DPI             ? 
_refine.pdbx_overall_SU_R_free_Cruickshank_DPI   ? 
_refine.pdbx_overall_SU_R_Blow_DPI               ? 
_refine.pdbx_overall_SU_R_free_Blow_DPI          ? 
# 
_refine_hist.pdbx_refine_id                   'X-RAY DIFFRACTION' 
_refine_hist.cycle_id                         LAST 
_refine_hist.pdbx_number_atoms_protein        0 
_refine_hist.pdbx_number_atoms_nucleic_acid   408 
_refine_hist.pdbx_number_atoms_ligand         14 
_refine_hist.number_atoms_solvent             67 
_refine_hist.number_atoms_total               489 
_refine_hist.d_res_high                       1.900 
_refine_hist.d_res_low                        8.000 
# 
loop_
_refine_ls_restr.type 
_refine_ls_restr.dev_ideal 
_refine_ls_restr.dev_ideal_target 
_refine_ls_restr.weight 
_refine_ls_restr.number 
_refine_ls_restr.pdbx_refine_id 
_refine_ls_restr.pdbx_restraint_function 
x_bond_d                0.015 ? ? ? 'X-RAY DIFFRACTION' ? 
x_bond_d_na             ?     ? ? ? 'X-RAY DIFFRACTION' ? 
x_bond_d_prot           ?     ? ? ? 'X-RAY DIFFRACTION' ? 
x_angle_d               ?     ? ? ? 'X-RAY DIFFRACTION' ? 
x_angle_d_na            ?     ? ? ? 'X-RAY DIFFRACTION' ? 
x_angle_d_prot          ?     ? ? ? 'X-RAY DIFFRACTION' ? 
x_angle_deg             3.80  ? ? ? 'X-RAY DIFFRACTION' ? 
x_angle_deg_na          ?     ? ? ? 'X-RAY DIFFRACTION' ? 
x_angle_deg_prot        ?     ? ? ? 'X-RAY DIFFRACTION' ? 
x_dihedral_angle_d      ?     ? ? ? 'X-RAY DIFFRACTION' ? 
x_dihedral_angle_d_na   ?     ? ? ? 'X-RAY DIFFRACTION' ? 
x_dihedral_angle_d_prot ?     ? ? ? 'X-RAY DIFFRACTION' ? 
x_improper_angle_d      ?     ? ? ? 'X-RAY DIFFRACTION' ? 
x_improper_angle_d_na   ?     ? ? ? 'X-RAY DIFFRACTION' ? 
x_improper_angle_d_prot ?     ? ? ? 'X-RAY DIFFRACTION' ? 
x_mcbond_it             ?     ? ? ? 'X-RAY DIFFRACTION' ? 
x_mcangle_it            ?     ? ? ? 'X-RAY DIFFRACTION' ? 
x_scbond_it             ?     ? ? ? 'X-RAY DIFFRACTION' ? 
x_scangle_it            ?     ? ? ? 'X-RAY DIFFRACTION' ? 
# 
_struct.entry_id                  100D 
_struct.title                     
;CRYSTAL STRUCTURE OF THE HIGHLY DISTORTED CHIMERIC DECAMER R(C)D(CGGCGCCG)R(G)-SPERMINE COMPLEX-SPERMINE BINDING TO PHOSPHATE ONLY AND MINOR GROOVE TERTIARY BASE-PAIRING
;
_struct.pdbx_model_details        ? 
_struct.pdbx_CASP_flag            ? 
_struct.pdbx_model_type_details   ? 
# 
_struct_keywords.entry_id        100D 
_struct_keywords.pdbx_keywords   'DNA-RNA HYBRID' 
_struct_keywords.text            'A-DNA/RNA, DOUBLE HELIX, DNA-RNA HYBRID' 
# 
loop_
_struct_asym.id 
_struct_asym.pdbx_blank_PDB_chainid_flag 
_struct_asym.pdbx_modified 
_struct_asym.entity_id 
_struct_asym.details 
A N N 1 ? 
B N N 1 ? 
C N N 2 ? 
D N N 3 ? 
E N N 3 ? 
# 
_struct_biol.id   1 
# 
loop_
_struct_conn.id 
_struct_conn.conn_type_id 
_struct_conn.pdbx_leaving_atom_flag 
_struct_conn.pdbx_PDB_id 
_struct_conn.ptnr1_label_asym_id 
_struct_conn.ptnr1_label_comp_id 
_struct_conn.ptnr1_label_seq_id 
_struct_conn.ptnr1_label_atom_id 
_struct_conn.pdbx_ptnr1_label_alt_id 
_struct_conn.pdbx_ptnr1_PDB_ins_code 
_struct_conn.pdbx_ptnr1_standard_comp_id 
_struct_conn.ptnr1_symmetry 
_struct_conn.ptnr2_label_asym_id 
_struct_conn.ptnr2_label_comp_id 
_struct_conn.ptnr2_label_seq_id 
_struct_conn.ptnr2_label_atom_id 
_struct_conn.pdbx_ptnr2_label_alt_id 
_struct_conn.pdbx_ptnr2_PDB_ins_code 
_struct_conn.ptnr1_auth_asym_id 
_struct_conn.ptnr1_auth_comp_id 
_struct_conn.ptnr1_auth_seq_id 
_struct_conn.ptnr2_auth_asym_id 
_struct_conn.ptnr2_auth_comp_id 
_struct_conn.ptnr2_auth_seq_id 
_struct_conn.ptnr2_symmetry 
_struct_conn.pdbx_ptnr3_label_atom_id 
_struct_conn.pdbx_ptnr3_label_seq_id 
_struct_conn.pdbx_ptnr3_label_comp_id 
_struct_conn.pdbx_ptnr3_label_asym_id 
_struct_conn.pdbx_ptnr3_label_alt_id 
_struct_conn.pdbx_ptnr3_PDB_ins_code 
_struct_conn.details 
_struct_conn.pdbx_dist_value 
_struct_conn.pdbx_value_order 
_struct_conn.pdbx_role 
hydrog1  hydrog ? ? A C  1  N3 ? ? ? 1_555 B G  10 N1 ? ? A C  1  B G  20 1_555 ? ? ? ? ? ? WATSON-CRICK ? ? ? 
hydrog2  hydrog ? ? A C  1  N4 ? ? ? 1_555 B G  10 O6 ? ? A C  1  B G  20 1_555 ? ? ? ? ? ? WATSON-CRICK ? ? ? 
hydrog3  hydrog ? ? A C  1  O2 ? ? ? 1_555 B G  10 N2 ? ? A C  1  B G  20 1_555 ? ? ? ? ? ? WATSON-CRICK ? ? ? 
hydrog4  hydrog ? ? A DC 2  N3 ? ? ? 1_555 B DG 9  N1 ? ? A DC 2  B DG 19 1_555 ? ? ? ? ? ? WATSON-CRICK ? ? ? 
hydrog5  hydrog ? ? A DC 2  N4 ? ? ? 1_555 B DG 9  O6 ? ? A DC 2  B DG 19 1_555 ? ? ? ? ? ? WATSON-CRICK ? ? ? 
hydrog6  hydrog ? ? A DC 2  O2 ? ? ? 1_555 B DG 9  N2 ? ? A DC 2  B DG 19 1_555 ? ? ? ? ? ? WATSON-CRICK ? ? ? 
hydrog7  hydrog ? ? A DG 3  N1 ? ? ? 1_555 B DC 8  N3 ? ? A DG 3  B DC 18 1_555 ? ? ? ? ? ? WATSON-CRICK ? ? ? 
hydrog8  hydrog ? ? A DG 3  N2 ? ? ? 1_555 B DC 8  O2 ? ? A DG 3  B DC 18 1_555 ? ? ? ? ? ? WATSON-CRICK ? ? ? 
hydrog9  hydrog ? ? A DG 3  O6 ? ? ? 1_555 B DC 8  N4 ? ? A DG 3  B DC 18 1_555 ? ? ? ? ? ? WATSON-CRICK ? ? ? 
hydrog10 hydrog ? ? A DG 4  N1 ? ? ? 1_555 B DC 7  N3 ? ? A DG 4  B DC 17 1_555 ? ? ? ? ? ? WATSON-CRICK ? ? ? 
hydrog11 hydrog ? ? A DG 4  N2 ? ? ? 1_555 B DC 7  O2 ? ? A DG 4  B DC 17 1_555 ? ? ? ? ? ? WATSON-CRICK ? ? ? 
hydrog12 hydrog ? ? A DG 4  O6 ? ? ? 1_555 B DC 7  N4 ? ? A DG 4  B DC 17 1_555 ? ? ? ? ? ? WATSON-CRICK ? ? ? 
hydrog13 hydrog ? ? A DC 5  N3 ? ? ? 1_555 B DG 6  N1 ? ? A DC 5  B DG 16 1_555 ? ? ? ? ? ? WATSON-CRICK ? ? ? 
hydrog14 hydrog ? ? A DC 5  N4 ? ? ? 1_555 B DG 6  O6 ? ? A DC 5  B DG 16 1_555 ? ? ? ? ? ? WATSON-CRICK ? ? ? 
hydrog15 hydrog ? ? A DC 5  O2 ? ? ? 1_555 B DG 6  N2 ? ? A DC 5  B DG 16 1_555 ? ? ? ? ? ? WATSON-CRICK ? ? ? 
hydrog16 hydrog ? ? A DG 6  N1 ? ? ? 1_555 B DC 5  N3 ? ? A DG 6  B DC 15 1_555 ? ? ? ? ? ? WATSON-CRICK ? ? ? 
hydrog17 hydrog ? ? A DG 6  N2 ? ? ? 1_555 B DC 5  O2 ? ? A DG 6  B DC 15 1_555 ? ? ? ? ? ? WATSON-CRICK ? ? ? 
hydrog18 hydrog ? ? A DG 6  O6 ? ? ? 1_555 B DC 5  N4 ? ? A DG 6  B DC 15 1_555 ? ? ? ? ? ? WATSON-CRICK ? ? ? 
hydrog19 hydrog ? ? A DC 7  N3 ? ? ? 1_555 B DG 4  N1 ? ? A DC 7  B DG 14 1_555 ? ? ? ? ? ? WATSON-CRICK ? ? ? 
hydrog20 hydrog ? ? A DC 7  N4 ? ? ? 1_555 B DG 4  O6 ? ? A DC 7  B DG 14 1_555 ? ? ? ? ? ? WATSON-CRICK ? ? ? 
hydrog21 hydrog ? ? A DC 7  O2 ? ? ? 1_555 B DG 4  N2 ? ? A DC 7  B DG 14 1_555 ? ? ? ? ? ? WATSON-CRICK ? ? ? 
hydrog22 hydrog ? ? A DC 8  N3 ? ? ? 1_555 B DG 3  N1 ? ? A DC 8  B DG 13 1_555 ? ? ? ? ? ? WATSON-CRICK ? ? ? 
hydrog23 hydrog ? ? A DC 8  N4 ? ? ? 1_555 B DG 3  O6 ? ? A DC 8  B DG 13 1_555 ? ? ? ? ? ? WATSON-CRICK ? ? ? 
hydrog24 hydrog ? ? A DC 8  O2 ? ? ? 1_555 B DG 3  N2 ? ? A DC 8  B DG 13 1_555 ? ? ? ? ? ? WATSON-CRICK ? ? ? 
hydrog25 hydrog ? ? A DG 9  N1 ? ? ? 1_555 B DC 2  N3 ? ? A DG 9  B DC 12 1_555 ? ? ? ? ? ? WATSON-CRICK ? ? ? 
hydrog26 hydrog ? ? A DG 9  N2 ? ? ? 1_555 B DC 2  O2 ? ? A DG 9  B DC 12 1_555 ? ? ? ? ? ? WATSON-CRICK ? ? ? 
hydrog27 hydrog ? ? A DG 9  O6 ? ? ? 1_555 B DC 2  N4 ? ? A DG 9  B DC 12 1_555 ? ? ? ? ? ? WATSON-CRICK ? ? ? 
hydrog28 hydrog ? ? A G  10 N1 ? ? ? 1_555 B C  1  N3 ? ? A G  10 B C  11 1_555 ? ? ? ? ? ? WATSON-CRICK ? ? ? 
hydrog29 hydrog ? ? A G  10 N2 ? ? ? 1_555 B C  1  O2 ? ? A G  10 B C  11 1_555 ? ? ? ? ? ? WATSON-CRICK ? ? ? 
hydrog30 hydrog ? ? A G  10 O6 ? ? ? 1_555 B C  1  N4 ? ? A G  10 B C  11 1_555 ? ? ? ? ? ? WATSON-CRICK ? ? ? 
# 
_struct_conn_type.id          hydrog 
_struct_conn_type.criteria    ? 
_struct_conn_type.reference   ? 
# 
_struct_site.id                   AC1 
_struct_site.pdbx_evidence_code   Software 
_struct_site.pdbx_auth_asym_id    A 
_struct_site.pdbx_auth_comp_id    SPM 
_struct_site.pdbx_auth_seq_id     21 
_struct_site.pdbx_auth_ins_code   ? 
_struct_site.pdbx_num_residues    13 
_struct_site.details              'BINDING SITE FOR RESIDUE SPM A 21' 
# 
loop_
_struct_site_gen.id 
_struct_site_gen.site_id 
_struct_site_gen.pdbx_num_res 
_struct_site_gen.label_comp_id 
_struct_site_gen.label_asym_id 
_struct_site_gen.label_seq_id 
_struct_site_gen.pdbx_auth_ins_code 
_struct_site_gen.auth_comp_id 
_struct_site_gen.auth_asym_id 
_struct_site_gen.auth_seq_id 
_struct_site_gen.label_atom_id 
_struct_site_gen.label_alt_id 
_struct_site_gen.symmetry 
_struct_site_gen.details 
1  AC1 13 DC  A 5  ? DC  A 5  . ? 1_555 ? 
2  AC1 13 DG  A 6  ? DG  A 6  . ? 1_555 ? 
3  AC1 13 DG  A 9  ? DG  A 9  . ? 3_655 ? 
4  AC1 13 HOH D .  ? HOH A 29 . ? 3_655 ? 
5  AC1 13 HOH D .  ? HOH A 46 . ? 2_555 ? 
6  AC1 13 HOH D .  ? HOH A 56 . ? 1_555 ? 
7  AC1 13 HOH D .  ? HOH A 87 . ? 1_555 ? 
8  AC1 13 DG  B 3  ? DG  B 13 . ? 2_555 ? 
9  AC1 13 DG  B 4  ? DG  B 14 . ? 2_555 ? 
10 AC1 13 DG  B 9  ? DG  B 19 . ? 1_655 ? 
11 AC1 13 G   B 10 ? G   B 20 . ? 1_655 ? 
12 AC1 13 HOH E .  ? HOH B 33 . ? 2_555 ? 
13 AC1 13 HOH E .  ? HOH B 52 . ? 2_555 ? 
# 
_atom_sites.entry_id                    100D 
_atom_sites.fract_transf_matrix[1][1]   0.03048442 
_atom_sites.fract_transf_matrix[1][2]   -0.00571485 
_atom_sites.fract_transf_matrix[1][3]   0.02787497 
_atom_sites.fract_transf_matrix[2][1]   0.01639066 
_atom_sites.fract_transf_matrix[2][2]   -0.00133429 
_atom_sites.fract_transf_matrix[2][3]   -0.01819859 
_atom_sites.fract_transf_matrix[3][1]   0.00307862 
_atom_sites.fract_transf_matrix[3][2]   0.02205824 
_atom_sites.fract_transf_matrix[3][3]   0.00115550 
_atom_sites.fract_transf_vector[1]      0.147299 
_atom_sites.fract_transf_vector[2]      -0.045431 
_atom_sites.fract_transf_vector[3]      0.245112 
# 
loop_
_atom_type.symbol 
C 
N 
O 
P 
# 
loop_
_atom_site.group_PDB 
_atom_site.id 
_atom_site.type_symbol 
_atom_site.label_atom_id 
_atom_site.label_alt_id 
_atom_site.label_comp_id 
_atom_site.label_asym_id 
_atom_site.label_entity_id 
_atom_site.label_seq_id 
_atom_site.pdbx_PDB_ins_code 
_atom_site.Cartn_x 
_atom_site.Cartn_y 
_atom_site.Cartn_z 
_atom_site.occupancy 
_atom_site.B_iso_or_equiv 
_atom_site.pdbx_formal_charge 
_atom_site.auth_seq_id 
_atom_site.auth_comp_id 
_atom_site.auth_asym_id 
_atom_site.auth_atom_id 
_atom_site.pdbx_PDB_model_num 
ATOM   1   O "O5'" . C   A 1 1  ? -2.194  -5.925  -10.905 1.00 28.71 ? 1  C   A "O5'" 1 
ATOM   2   C "C5'" . C   A 1 1  ? -1.186  -6.653  -11.599 1.00 27.35 ? 1  C   A "C5'" 1 
ATOM   3   C "C4'" . C   A 1 1  ? -0.082  -5.741  -12.136 1.00 24.41 ? 1  C   A "C4'" 1 
ATOM   4   O "O4'" . C   A 1 1  ? -0.638  -4.767  -13.032 1.00 22.53 ? 1  C   A "O4'" 1 
ATOM   5   C "C3'" . C   A 1 1  ? 0.613   -4.953  -11.029 1.00 23.56 ? 1  C   A "C3'" 1 
ATOM   6   O "O3'" . C   A 1 1  ? 1.591   -5.681  -10.252 1.00 21.02 ? 1  C   A "O3'" 1 
ATOM   7   C "C2'" . C   A 1 1  ? 1.226   -3.833  -11.824 1.00 23.73 ? 1  C   A "C2'" 1 
ATOM   8   O "O2'" . C   A 1 1  ? 2.476   -4.179  -12.450 1.00 23.93 ? 1  C   A "O2'" 1 
ATOM   9   C "C1'" . C   A 1 1  ? 0.089   -3.552  -12.826 1.00 20.60 ? 1  C   A "C1'" 1 
ATOM   10  N N1    . C   A 1 1  ? -0.774  -2.446  -12.316 1.00 19.25 ? 1  C   A N1    1 
ATOM   11  C C2    . C   A 1 1  ? -0.281  -1.161  -12.453 1.00 16.72 ? 1  C   A C2    1 
ATOM   12  O O2    . C   A 1 1  ? 0.868   -0.950  -12.842 1.00 15.49 ? 1  C   A O2    1 
ATOM   13  N N3    . C   A 1 1  ? -1.084  -0.128  -12.154 1.00 15.96 ? 1  C   A N3    1 
ATOM   14  C C4    . C   A 1 1  ? -2.339  -0.327  -11.736 1.00 16.84 ? 1  C   A C4    1 
ATOM   15  N N4    . C   A 1 1  ? -3.141  0.726   -11.562 1.00 19.14 ? 1  C   A N4    1 
ATOM   16  C C5    . C   A 1 1  ? -2.856  -1.639  -11.562 1.00 17.68 ? 1  C   A C5    1 
ATOM   17  C C6    . C   A 1 1  ? -2.038  -2.663  -11.862 1.00 17.68 ? 1  C   A C6    1 
ATOM   18  P P     . DC  A 1 2  ? 1.944   -5.216  -8.746  1.00 24.85 ? 2  DC  A P     1 
ATOM   19  O OP1   . DC  A 1 2  ? 2.763   -6.344  -8.237  1.00 25.96 ? 2  DC  A OP1   1 
ATOM   20  O OP2   . DC  A 1 2  ? 0.538   -5.025  -8.321  1.00 24.57 ? 2  DC  A OP2   1 
ATOM   21  O "O5'" . DC  A 1 2  ? 2.781   -3.881  -8.470  1.00 24.10 ? 2  DC  A "O5'" 1 
ATOM   22  C "C5'" . DC  A 1 2  ? 4.097   -3.849  -9.028  1.00 19.66 ? 2  DC  A "C5'" 1 
ATOM   23  C "C4'" . DC  A 1 2  ? 4.569   -2.432  -9.233  1.00 17.99 ? 2  DC  A "C4'" 1 
ATOM   24  O "O4'" . DC  A 1 2  ? 3.708   -1.775  -10.138 1.00 17.23 ? 2  DC  A "O4'" 1 
ATOM   25  C "C3'" . DC  A 1 2  ? 4.516   -1.601  -7.972  1.00 18.98 ? 2  DC  A "C3'" 1 
ATOM   26  O "O3'" . DC  A 1 2  ? 5.688   -1.859  -7.204  1.00 18.39 ? 2  DC  A "O3'" 1 
ATOM   27  C "C2'" . DC  A 1 2  ? 4.573   -0.244  -8.612  1.00 17.33 ? 2  DC  A "C2'" 1 
ATOM   28  C "C1'" . DC  A 1 2  ? 3.650   -0.394  -9.765  1.00 15.44 ? 2  DC  A "C1'" 1 
ATOM   29  N N1    . DC  A 1 2  ? 2.284   0.003   -9.382  1.00 14.48 ? 2  DC  A N1    1 
ATOM   30  C C2    . DC  A 1 2  ? 2.024   1.359   -9.339  1.00 13.03 ? 2  DC  A C2    1 
ATOM   31  O O2    . DC  A 1 2  ? 2.902   2.220   -9.510  1.00 11.15 ? 2  DC  A O2    1 
ATOM   32  N N3    . DC  A 1 2  ? 0.748   1.729   -9.089  1.00 11.95 ? 2  DC  A N3    1 
ATOM   33  C C4    . DC  A 1 2  ? -0.220  0.853   -8.879  1.00 11.37 ? 2  DC  A C4    1 
ATOM   34  N N4    . DC  A 1 2  ? -1.450  1.327   -8.710  1.00 11.93 ? 2  DC  A N4    1 
ATOM   35  C C5    . DC  A 1 2  ? 0.030   -0.554  -8.893  1.00 11.95 ? 2  DC  A C5    1 
ATOM   36  C C6    . DC  A 1 2  ? 1.295   -0.929  -9.150  1.00 11.94 ? 2  DC  A C6    1 
ATOM   37  P P     . DG  A 1 3  ? 5.915   -1.237  -5.758  1.00 21.10 ? 3  DG  A P     1 
ATOM   38  O OP1   . DG  A 1 3  ? 7.174   -1.895  -5.336  1.00 21.52 ? 3  DG  A OP1   1 
ATOM   39  O OP2   . DG  A 1 3  ? 4.630   -1.693  -5.188  1.00 14.50 ? 3  DG  A OP2   1 
ATOM   40  O "O5'" . DG  A 1 3  ? 6.076   0.281   -5.322  1.00 19.95 ? 3  DG  A "O5'" 1 
ATOM   41  C "C5'" . DG  A 1 3  ? 7.118   1.074   -5.886  1.00 17.61 ? 3  DG  A "C5'" 1 
ATOM   42  C "C4'" . DG  A 1 3  ? 6.612   2.470   -6.001  1.00 17.62 ? 3  DG  A "C4'" 1 
ATOM   43  O "O4'" . DG  A 1 3  ? 5.382   2.442   -6.759  1.00 16.77 ? 3  DG  A "O4'" 1 
ATOM   44  C "C3'" . DG  A 1 3  ? 6.245   3.018   -4.621  1.00 16.31 ? 3  DG  A "C3'" 1 
ATOM   45  O "O3'" . DG  A 1 3  ? 7.379   3.589   -3.980  1.00 18.86 ? 3  DG  A "O3'" 1 
ATOM   46  C "C2'" . DG  A 1 3  ? 5.353   4.107   -5.084  1.00 17.71 ? 3  DG  A "C2'" 1 
ATOM   47  C "C1'" . DG  A 1 3  ? 4.573   3.478   -6.217  1.00 16.27 ? 3  DG  A "C1'" 1 
ATOM   48  N N9    . DG  A 1 3  ? 3.240   3.063   -5.783  1.00 11.63 ? 3  DG  A N9    1 
ATOM   49  C C8    . DG  A 1 3  ? 2.676   1.823   -5.759  1.00 10.83 ? 3  DG  A C8    1 
ATOM   50  N N7    . DG  A 1 3  ? 1.378   1.825   -5.708  1.00 12.03 ? 3  DG  A N7    1 
ATOM   51  C C5    . DG  A 1 3  ? 1.067   3.162   -5.664  1.00 9.28  ? 3  DG  A C5    1 
ATOM   52  C C6    . DG  A 1 3  ? -0.171  3.768   -5.510  1.00 6.67  ? 3  DG  A C6    1 
ATOM   53  O O6    . DG  A 1 3  ? -1.251  3.197   -5.546  1.00 11.90 ? 3  DG  A O6    1 
ATOM   54  N N1    . DG  A 1 3  ? -0.071  5.163   -5.394  1.00 7.48  ? 3  DG  A N1    1 
ATOM   55  C C2    . DG  A 1 3  ? 1.096   5.889   -5.422  1.00 7.12  ? 3  DG  A C2    1 
ATOM   56  N N2    . DG  A 1 3  ? 1.024   7.219   -5.265  1.00 2.92  ? 3  DG  A N2    1 
ATOM   57  N N3    . DG  A 1 3  ? 2.287   5.300   -5.584  1.00 7.08  ? 3  DG  A N3    1 
ATOM   58  C C4    . DG  A 1 3  ? 2.193   3.939   -5.697  1.00 12.36 ? 3  DG  A C4    1 
ATOM   59  P P     . DG  A 1 4  ? 7.299   4.151   -2.471  1.00 19.10 ? 4  DG  A P     1 
ATOM   60  O OP1   . DG  A 1 4  ? 8.730   4.377   -2.215  1.00 21.78 ? 4  DG  A OP1   1 
ATOM   61  O OP2   . DG  A 1 4  ? 6.516   3.309   -1.542  1.00 20.41 ? 4  DG  A OP2   1 
ATOM   62  O "O5'" . DG  A 1 4  ? 6.574   5.602   -2.593  1.00 19.69 ? 4  DG  A "O5'" 1 
ATOM   63  C "C5'" . DG  A 1 4  ? 7.163   6.863   -2.986  1.00 14.70 ? 4  DG  A "C5'" 1 
ATOM   64  C "C4'" . DG  A 1 4  ? 6.260   7.977   -2.492  1.00 15.74 ? 4  DG  A "C4'" 1 
ATOM   65  O "O4'" . DG  A 1 4  ? 4.971   7.890   -3.098  1.00 15.71 ? 4  DG  A "O4'" 1 
ATOM   66  C "C3'" . DG  A 1 4  ? 5.963   7.873   -1.000  1.00 14.86 ? 4  DG  A "C3'" 1 
ATOM   67  O "O3'" . DG  A 1 4  ? 7.071   8.318   -0.179  1.00 20.22 ? 4  DG  A "O3'" 1 
ATOM   68  C "C2'" . DG  A 1 4  ? 4.703   8.692   -0.875  1.00 13.42 ? 4  DG  A "C2'" 1 
ATOM   69  C "C1'" . DG  A 1 4  ? 3.955   8.245   -2.105  1.00 13.10 ? 4  DG  A "C1'" 1 
ATOM   70  N N9    . DG  A 1 4  ? 3.046   7.086   -1.933  1.00 11.82 ? 4  DG  A N9    1 
ATOM   71  C C8    . DG  A 1 4  ? 3.301   5.790   -2.296  1.00 8.09  ? 4  DG  A C8    1 
ATOM   72  N N7    . DG  A 1 4  ? 2.239   5.045   -2.357  1.00 11.07 ? 4  DG  A N7    1 
ATOM   73  C C5    . DG  A 1 4  ? 1.178   5.909   -1.992  1.00 11.16 ? 4  DG  A C5    1 
ATOM   74  C C6    . DG  A 1 4  ? -0.247  5.660   -1.894  1.00 9.75  ? 4  DG  A C6    1 
ATOM   75  O O6    . DG  A 1 4  ? -0.867  4.607   -2.063  1.00 9.97  ? 4  DG  A O6    1 
ATOM   76  N N1    . DG  A 1 4  ? -0.952  6.795   -1.495  1.00 8.27  ? 4  DG  A N1    1 
ATOM   77  C C2    . DG  A 1 4  ? -0.374  8.030   -1.225  1.00 8.31  ? 4  DG  A C2    1 
ATOM   78  N N2    . DG  A 1 4  ? -1.184  9.033   -0.863  1.00 6.42  ? 4  DG  A N2    1 
ATOM   79  N N3    . DG  A 1 4  ? 0.958   8.259   -1.321  1.00 9.10  ? 4  DG  A N3    1 
ATOM   80  C C4    . DG  A 1 4  ? 1.670   7.155   -1.711  1.00 10.34 ? 4  DG  A C4    1 
ATOM   81  P P     . DC  A 1 5  ? 7.181   7.951   1.392   1.00 16.11 ? 5  DC  A P     1 
ATOM   82  O OP1   . DC  A 1 5  ? 8.433   8.744   1.459   1.00 21.84 ? 5  DC  A OP1   1 
ATOM   83  O OP2   . DC  A 1 5  ? 7.295   6.469   1.391   1.00 19.79 ? 5  DC  A OP2   1 
ATOM   84  O "O5'" . DC  A 1 5  ? 6.276   8.424   2.636   1.00 19.47 ? 5  DC  A "O5'" 1 
ATOM   85  C "C5'" . DC  A 1 5  ? 5.297   7.598   3.278   1.00 15.29 ? 5  DC  A "C5'" 1 
ATOM   86  C "C4'" . DC  A 1 5  ? 3.877   8.193   3.330   1.00 12.49 ? 5  DC  A "C4'" 1 
ATOM   87  O "O4'" . DC  A 1 5  ? 3.186   8.045   2.098   1.00 12.55 ? 5  DC  A "O4'" 1 
ATOM   88  C "C3'" . DC  A 1 5  ? 3.077   7.485   4.400   1.00 11.96 ? 5  DC  A "C3'" 1 
ATOM   89  O "O3'" . DC  A 1 5  ? 3.465   7.990   5.691   1.00 14.17 ? 5  DC  A "O3'" 1 
ATOM   90  C "C2'" . DC  A 1 5  ? 1.713   7.847   3.938   1.00 10.58 ? 5  DC  A "C2'" 1 
ATOM   91  C "C1'" . DC  A 1 5  ? 1.862   7.656   2.423   1.00 10.97 ? 5  DC  A "C1'" 1 
ATOM   92  N N1    . DC  A 1 5  ? 1.595   6.284   1.952   1.00 12.08 ? 5  DC  A N1    1 
ATOM   93  C C2    . DC  A 1 5  ? 0.270   5.901   1.882   1.00 12.60 ? 5  DC  A C2    1 
ATOM   94  O O2    . DC  A 1 5  ? -0.624  6.641   2.287   1.00 10.69 ? 5  DC  A O2    1 
ATOM   95  N N3    . DC  A 1 5  ? -0.038  4.674   1.388   1.00 10.73 ? 5  DC  A N3    1 
ATOM   96  C C4    . DC  A 1 5  ? 0.919   3.841   0.983   1.00 10.86 ? 5  DC  A C4    1 
ATOM   97  N N4    . DC  A 1 5  ? 0.568   2.706   0.383   1.00 7.57  ? 5  DC  A N4    1 
ATOM   98  C C5    . DC  A 1 5  ? 2.295   4.211   1.067   1.00 12.31 ? 5  DC  A C5    1 
ATOM   99  C C6    . DC  A 1 5  ? 2.581   5.432   1.547   1.00 10.26 ? 5  DC  A C6    1 
ATOM   100 P P     . DG  A 1 6  ? 3.515   7.040   6.971   1.00 14.87 ? 6  DG  A P     1 
ATOM   101 O OP1   . DG  A 1 6  ? 4.096   7.829   8.075   1.00 14.32 ? 6  DG  A OP1   1 
ATOM   102 O OP2   . DG  A 1 6  ? 3.903   5.613   6.774   1.00 10.67 ? 6  DG  A OP2   1 
ATOM   103 O "O5'" . DG  A 1 6  ? 1.920   7.076   7.174   1.00 15.18 ? 6  DG  A "O5'" 1 
ATOM   104 C "C5'" . DG  A 1 6  ? 1.194   7.944   8.022   1.00 15.40 ? 6  DG  A "C5'" 1 
ATOM   105 C "C4'" . DG  A 1 6  ? -0.271  7.498   8.094   1.00 15.34 ? 6  DG  A "C4'" 1 
ATOM   106 O "O4'" . DG  A 1 6  ? -0.839  7.375   6.766   1.00 16.46 ? 6  DG  A "O4'" 1 
ATOM   107 C "C3'" . DG  A 1 6  ? -0.544  6.147   8.763   1.00 16.54 ? 6  DG  A "C3'" 1 
ATOM   108 O "O3'" . DG  A 1 6  ? -0.439  6.205   10.189  1.00 18.58 ? 6  DG  A "O3'" 1 
ATOM   109 C "C2'" . DG  A 1 6  ? -1.986  5.986   8.282   1.00 17.79 ? 6  DG  A "C2'" 1 
ATOM   110 C "C1'" . DG  A 1 6  ? -1.909  6.388   6.795   1.00 13.96 ? 6  DG  A "C1'" 1 
ATOM   111 N N9    . DG  A 1 6  ? -1.417  5.241   6.019   1.00 13.78 ? 6  DG  A N9    1 
ATOM   112 C C8    . DG  A 1 6  ? -0.128  4.982   5.567   1.00 11.32 ? 6  DG  A C8    1 
ATOM   113 N N7    . DG  A 1 6  ? -0.060  3.976   4.743   1.00 11.53 ? 6  DG  A N7    1 
ATOM   114 C C5    . DG  A 1 6  ? -1.398  3.528   4.653   1.00 15.14 ? 6  DG  A C5    1 
ATOM   115 C C6    . DG  A 1 6  ? -1.949  2.389   3.982   1.00 14.51 ? 6  DG  A C6    1 
ATOM   116 O O6    . DG  A 1 6  ? -1.411  1.654   3.153   1.00 15.52 ? 6  DG  A O6    1 
ATOM   117 N N1    . DG  A 1 6  ? -3.297  2.209   4.276   1.00 15.78 ? 6  DG  A N1    1 
ATOM   118 C C2    . DG  A 1 6  ? -4.054  3.017   5.091   1.00 16.04 ? 6  DG  A C2    1 
ATOM   119 N N2    . DG  A 1 6  ? -5.336  2.717   5.196   1.00 15.11 ? 6  DG  A N2    1 
ATOM   120 N N3    . DG  A 1 6  ? -3.560  4.092   5.711   1.00 14.81 ? 6  DG  A N3    1 
ATOM   121 C C4    . DG  A 1 6  ? -2.227  4.287   5.449   1.00 13.90 ? 6  DG  A C4    1 
ATOM   122 P P     . DC  A 1 7  ? 0.364   5.106   11.070  1.00 17.81 ? 7  DC  A P     1 
ATOM   123 O OP1   . DC  A 1 7  ? 0.386   5.771   12.392  1.00 17.82 ? 7  DC  A OP1   1 
ATOM   124 O OP2   . DC  A 1 7  ? 1.648   4.665   10.451  1.00 20.08 ? 7  DC  A OP2   1 
ATOM   125 O "O5'" . DC  A 1 7  ? -0.619  3.825   11.116  1.00 17.30 ? 7  DC  A "O5'" 1 
ATOM   126 C "C5'" . DC  A 1 7  ? -1.970  3.893   11.599  1.00 16.36 ? 7  DC  A "C5'" 1 
ATOM   127 C "C4'" . DC  A 1 7  ? -2.856  2.779   11.029  1.00 15.85 ? 7  DC  A "C4'" 1 
ATOM   128 O "O4'" . DC  A 1 7  ? -3.004  2.913   9.610   1.00 16.34 ? 7  DC  A "O4'" 1 
ATOM   129 C "C3'" . DC  A 1 7  ? -2.324  1.357   11.246  1.00 14.83 ? 7  DC  A "C3'" 1 
ATOM   130 O "O3'" . DC  A 1 7  ? -2.495  0.872   12.588  1.00 16.25 ? 7  DC  A "O3'" 1 
ATOM   131 C "C2'" . DC  A 1 7  ? -3.167  0.640   10.238  1.00 11.20 ? 7  DC  A "C2'" 1 
ATOM   132 C "C1'" . DC  A 1 7  ? -3.150  1.574   9.069   1.00 10.61 ? 7  DC  A "C1'" 1 
ATOM   133 N N1    . DC  A 1 7  ? -2.127  1.182   8.081   1.00 7.65  ? 7  DC  A N1    1 
ATOM   134 C C2    . DC  A 1 7  ? -2.466  0.213   7.118   1.00 10.22 ? 7  DC  A C2    1 
ATOM   135 O O2    . DC  A 1 7  ? -3.546  -0.376  7.151   1.00 15.05 ? 7  DC  A O2    1 
ATOM   136 N N3    . DC  A 1 7  ? -1.536  -0.159  6.188   1.00 6.65  ? 7  DC  A N3    1 
ATOM   137 C C4    . DC  A 1 7  ? -0.314  0.393   6.214   1.00 5.07  ? 7  DC  A C4    1 
ATOM   138 N N4    . DC  A 1 7  ? 0.556   0.081   5.265   1.00 4.65  ? 7  DC  A N4    1 
ATOM   139 C C5    . DC  A 1 7  ? 0.042   1.376   7.201   1.00 4.20  ? 7  DC  A C5    1 
ATOM   140 C C6    . DC  A 1 7  ? -0.899  1.733   8.101   1.00 6.45  ? 7  DC  A C6    1 
ATOM   141 P P     . DC  A 1 8  ? -1.616  -0.369  13.126  1.00 18.77 ? 8  DC  A P     1 
ATOM   142 O OP1   . DC  A 1 8  ? -2.001  -0.566  14.547  1.00 20.04 ? 8  DC  A OP1   1 
ATOM   143 O OP2   . DC  A 1 8  ? -0.170  -0.259  12.831  1.00 20.24 ? 8  DC  A OP2   1 
ATOM   144 O "O5'" . DC  A 1 8  ? -2.134  -1.706  12.361  1.00 18.79 ? 8  DC  A "O5'" 1 
ATOM   145 C "C5'" . DC  A 1 8  ? -3.425  -2.269  12.557  1.00 12.85 ? 8  DC  A "C5'" 1 
ATOM   146 C "C4'" . DC  A 1 8  ? -3.735  -3.160  11.417  1.00 14.40 ? 8  DC  A "C4'" 1 
ATOM   147 O "O4'" . DC  A 1 8  ? -3.457  -2.479  10.189  1.00 10.91 ? 8  DC  A "O4'" 1 
ATOM   148 C "C3'" . DC  A 1 8  ? -2.876  -4.383  11.322  1.00 14.90 ? 8  DC  A "C3'" 1 
ATOM   149 O "O3'" . DC  A 1 8  ? -3.124  -5.323  12.374  1.00 15.23 ? 8  DC  A "O3'" 1 
ATOM   150 C "C2'" . DC  A 1 8  ? -3.373  -4.789  9.955   1.00 9.34  ? 8  DC  A "C2'" 1 
ATOM   151 C "C1'" . DC  A 1 8  ? -3.238  -3.490  9.194   1.00 8.80  ? 8  DC  A "C1'" 1 
ATOM   152 N N1    . DC  A 1 8  ? -1.929  -3.321  8.557   1.00 6.87  ? 8  DC  A N1    1 
ATOM   153 C C2    . DC  A 1 8  ? -1.623  -4.073  7.425   1.00 9.10  ? 8  DC  A C2    1 
ATOM   154 O O2    . DC  A 1 8  ? -2.344  -5.008  7.063   1.00 7.86  ? 8  DC  A O2    1 
ATOM   155 N N3    . DC  A 1 8  ? -0.422  -3.868  6.796   1.00 7.75  ? 8  DC  A N3    1 
ATOM   156 C C4    . DC  A 1 8  ? 0.463   -2.979  7.283   1.00 9.21  ? 8  DC  A C4    1 
ATOM   157 N N4    . DC  A 1 8  ? 1.645   -2.816  6.685   1.00 7.67  ? 8  DC  A N4    1 
ATOM   158 C C5    . DC  A 1 8  ? 0.168   -2.218  8.453   1.00 7.40  ? 8  DC  A C5    1 
ATOM   159 C C6    . DC  A 1 8  ? -1.032  -2.420  9.045   1.00 9.24  ? 8  DC  A C6    1 
ATOM   160 P P     . DG  A 1 9  ? -1.973  -6.323  12.808  1.00 14.64 ? 9  DG  A P     1 
ATOM   161 O OP1   . DG  A 1 9  ? -2.673  -6.660  14.059  1.00 17.77 ? 9  DG  A OP1   1 
ATOM   162 O OP2   . DG  A 1 9  ? -0.534  -5.935  12.870  1.00 16.33 ? 9  DG  A OP2   1 
ATOM   163 O "O5'" . DG  A 1 9  ? -2.159  -7.595  11.811  1.00 13.73 ? 9  DG  A "O5'" 1 
ATOM   164 C "C5'" . DG  A 1 9  ? -3.332  -8.405  11.743  1.00 10.04 ? 9  DG  A "C5'" 1 
ATOM   165 C "C4'" . DG  A 1 9  ? -3.361  -9.133  10.464  1.00 8.60  ? 9  DG  A "C4'" 1 
ATOM   166 O "O4'" . DG  A 1 9  ? -3.116  -8.271  9.347   1.00 9.95  ? 9  DG  A "O4'" 1 
ATOM   167 C "C3'" . DG  A 1 9  ? -2.256  -10.125 10.341  1.00 11.49 ? 9  DG  A "C3'" 1 
ATOM   168 O "O3'" . DG  A 1 9  ? -2.410  -11.287 11.173  1.00 12.29 ? 9  DG  A "O3'" 1 
ATOM   169 C "C2'" . DG  A 1 9  ? -2.439  -10.369 8.875   1.00 7.88  ? 9  DG  A "C2'" 1 
ATOM   170 C "C1'" . DG  A 1 9  ? -2.384  -9.009  8.297   1.00 8.58  ? 9  DG  A "C1'" 1 
ATOM   171 N N9    . DG  A 1 9  ? -0.986  -8.472  8.027   1.00 5.76  ? 9  DG  A N9    1 
ATOM   172 C C8    . DG  A 1 9  ? -0.391  -7.433  8.697   1.00 7.27  ? 9  DG  A C8    1 
ATOM   173 N N7    . DG  A 1 9  ? 0.769   -7.060  8.252   1.00 5.05  ? 9  DG  A N7    1 
ATOM   174 C C5    . DG  A 1 9  ? 0.983   -7.921  7.191   1.00 6.30  ? 9  DG  A C5    1 
ATOM   175 C C6    . DG  A 1 9  ? 2.104   -8.006  6.312   1.00 6.32  ? 9  DG  A C6    1 
ATOM   176 O O6    . DG  A 1 9  ? 3.087   -7.284  6.285   1.00 8.77  ? 9  DG  A O6    1 
ATOM   177 N N1    . DG  A 1 9  ? 1.982   -9.009  5.370   1.00 5.02  ? 9  DG  A N1    1 
ATOM   178 C C2    . DG  A 1 9  ? 0.891   -9.838  5.296   1.00 7.22  ? 9  DG  A C2    1 
ATOM   179 N N2    . DG  A 1 9  ? 0.892   -10.778 4.382   1.00 5.13  ? 9  DG  A N2    1 
ATOM   180 N N3    . DG  A 1 9  ? -0.166  -9.760  6.116   1.00 8.90  ? 9  DG  A N3    1 
ATOM   181 C C4    . DG  A 1 9  ? -0.070  -8.786  7.046   1.00 5.39  ? 9  DG  A C4    1 
ATOM   182 P P     . G   A 1 10 ? -1.134  -11.991 11.814  1.00 18.00 ? 10 G   A P     1 
ATOM   183 O OP1   . G   A 1 10 ? -2.047  -12.855 12.601  1.00 19.65 ? 10 G   A OP1   1 
ATOM   184 O OP2   . G   A 1 10 ? 0.208   -11.618 12.340  1.00 21.55 ? 10 G   A OP2   1 
ATOM   185 O "O5'" . G   A 1 10 ? -0.898  -12.632 10.323  1.00 18.23 ? 10 G   A "O5'" 1 
ATOM   186 C "C5'" . G   A 1 10 ? -1.593  -13.710 9.686   1.00 18.20 ? 10 G   A "C5'" 1 
ATOM   187 C "C4'" . G   A 1 10 ? -0.820  -14.353 8.511   1.00 17.37 ? 10 G   A "C4'" 1 
ATOM   188 O "O4'" . G   A 1 10 ? -0.400  -13.407 7.517   1.00 15.12 ? 10 G   A "O4'" 1 
ATOM   189 C "C3'" . G   A 1 10 ? 0.439   -15.147 8.871   1.00 17.88 ? 10 G   A "C3'" 1 
ATOM   190 O "O3'" . G   A 1 10 ? 0.180   -16.525 9.328   1.00 16.65 ? 10 G   A "O3'" 1 
ATOM   191 C "C2'" . G   A 1 10 ? 1.142   -15.167 7.517   1.00 16.83 ? 10 G   A "C2'" 1 
ATOM   192 O "O2'" . G   A 1 10 ? 0.506   -16.168 6.716   1.00 18.75 ? 10 G   A "O2'" 1 
ATOM   193 C "C1'" . G   A 1 10 ? 0.873   -13.791 6.972   1.00 15.79 ? 10 G   A "C1'" 1 
ATOM   194 N N9    . G   A 1 10 ? 1.921   -12.792 7.319   1.00 15.40 ? 10 G   A N9    1 
ATOM   195 C C8    . G   A 1 10 ? 1.947   -11.884 8.370   1.00 15.00 ? 10 G   A C8    1 
ATOM   196 N N7    . G   A 1 10 ? 2.973   -11.086 8.380   1.00 12.61 ? 10 G   A N7    1 
ATOM   197 C C5    . G   A 1 10 ? 3.675   -11.477 7.246   1.00 13.15 ? 10 G   A C5    1 
ATOM   198 C C6    . G   A 1 10 ? 4.900   -10.978 6.753   1.00 11.89 ? 10 G   A C6    1 
ATOM   199 O O6    . G   A 1 10 ? 5.491   -9.989  7.178   1.00 12.64 ? 10 G   A O6    1 
ATOM   200 N N1    . G   A 1 10 ? 5.351   -11.686 5.625   1.00 9.10  ? 10 G   A N1    1 
ATOM   201 C C2    . G   A 1 10 ? 4.686   -12.727 5.052   1.00 10.96 ? 10 G   A C2    1 
ATOM   202 N N2    . G   A 1 10 ? 5.248   -13.264 3.987   1.00 11.87 ? 10 G   A N2    1 
ATOM   203 N N3    . G   A 1 10 ? 3.510   -13.199 5.506   1.00 12.41 ? 10 G   A N3    1 
ATOM   204 C C4    . G   A 1 10 ? 3.063   -12.525 6.599   1.00 13.44 ? 10 G   A C4    1 
ATOM   205 O "O5'" . C   B 1 1  ? 12.181  -8.830  1.315   1.00 18.48 ? 11 C   B "O5'" 1 
ATOM   206 C "C5'" . C   B 1 1  ? 12.697  -9.931  0.533   1.00 17.64 ? 11 C   B "C5'" 1 
ATOM   207 C "C4'" . C   B 1 1  ? 11.733  -11.146 0.585   1.00 17.23 ? 11 C   B "C4'" 1 
ATOM   208 O "O4'" . C   B 1 1  ? 11.472  -11.546 1.956   1.00 16.55 ? 11 C   B "O4'" 1 
ATOM   209 C "C3'" . C   B 1 1  ? 10.347  -10.803 0.052   1.00 17.97 ? 11 C   B "C3'" 1 
ATOM   210 O "O3'" . C   B 1 1  ? 10.156  -10.728 -1.375  1.00 18.76 ? 11 C   B "O3'" 1 
ATOM   211 C "C2'" . C   B 1 1  ? 9.470   -11.810 0.707   1.00 14.10 ? 11 C   B "C2'" 1 
ATOM   212 O "O2'" . C   B 1 1  ? 9.633   -13.042 0.006   1.00 13.63 ? 11 C   B "O2'" 1 
ATOM   213 C "C1'" . C   B 1 1  ? 10.076  -11.853 2.088   1.00 14.14 ? 11 C   B "C1'" 1 
ATOM   214 N N1    . C   B 1 1  ? 9.411   -10.981 3.099   1.00 16.99 ? 11 C   B N1    1 
ATOM   215 C C2    . C   B 1 1  ? 8.216   -11.416 3.664   1.00 15.65 ? 11 C   B C2    1 
ATOM   216 O O2    . C   B 1 1  ? 7.571   -12.328 3.161   1.00 14.94 ? 11 C   B O2    1 
ATOM   217 N N3    . C   B 1 1  ? 7.678   -10.735 4.722   1.00 16.15 ? 11 C   B N3    1 
ATOM   218 C C4    . C   B 1 1  ? 8.282   -9.644  5.202   1.00 16.53 ? 11 C   B C4    1 
ATOM   219 N N4    . C   B 1 1  ? 7.756   -9.008  6.257   1.00 18.43 ? 11 C   B N4    1 
ATOM   220 C C5    . C   B 1 1  ? 9.498   -9.168  4.613   1.00 16.78 ? 11 C   B C5    1 
ATOM   221 C C6    . C   B 1 1  ? 10.016  -9.862  3.577   1.00 15.01 ? 11 C   B C6    1 
ATOM   222 P P     . DC  B 1 2  ? 9.089   -9.609  -1.885  1.00 21.42 ? 12 DC  B P     1 
ATOM   223 O OP1   . DC  B 1 2  ? 9.425   -10.095 -3.249  1.00 21.29 ? 12 DC  B OP1   1 
ATOM   224 O OP2   . DC  B 1 2  ? 8.990   -8.153  -1.712  1.00 22.13 ? 12 DC  B OP2   1 
ATOM   225 O "O5'" . DC  B 1 2  ? 7.667   -10.287 -1.362  1.00 20.84 ? 12 DC  B "O5'" 1 
ATOM   226 C "C5'" . DC  B 1 2  ? 7.156   -11.481 -2.002  1.00 19.83 ? 12 DC  B "C5'" 1 
ATOM   227 C "C4'" . DC  B 1 2  ? 5.857   -11.965 -1.408  1.00 18.55 ? 12 DC  B "C4'" 1 
ATOM   228 O "O4'" . DC  B 1 2  ? 5.907   -12.111 0.028   1.00 19.79 ? 12 DC  B "O4'" 1 
ATOM   229 C "C3'" . DC  B 1 2  ? 4.876   -10.897 -1.634  1.00 18.00 ? 12 DC  B "C3'" 1 
ATOM   230 O "O3'" . DC  B 1 2  ? 4.487   -10.945 -3.002  1.00 19.14 ? 12 DC  B "O3'" 1 
ATOM   231 C "C2'" . DC  B 1 2  ? 3.845   -11.269 -0.617  1.00 15.87 ? 12 DC  B "C2'" 1 
ATOM   232 C "C1'" . DC  B 1 2  ? 4.660   -11.634 0.568   1.00 15.45 ? 12 DC  B "C1'" 1 
ATOM   233 N N1    . DC  B 1 2  ? 4.837   -10.526 1.520   1.00 15.29 ? 12 DC  B N1    1 
ATOM   234 C C2    . DC  B 1 2  ? 3.877   -10.388 2.516   1.00 14.49 ? 12 DC  B C2    1 
ATOM   235 O O2    . DC  B 1 2  ? 2.892   -11.129 2.619   1.00 17.30 ? 12 DC  B O2    1 
ATOM   236 N N3    . DC  B 1 2  ? 4.027   -9.409  3.425   1.00 11.60 ? 12 DC  B N3    1 
ATOM   237 C C4    . DC  B 1 2  ? 5.076   -8.577  3.378   1.00 15.58 ? 12 DC  B C4    1 
ATOM   238 N N4    . DC  B 1 2  ? 5.119   -7.571  4.267   1.00 14.28 ? 12 DC  B N4    1 
ATOM   239 C C5    . DC  B 1 2  ? 6.085   -8.708  2.373   1.00 15.60 ? 12 DC  B C5    1 
ATOM   240 C C6    . DC  B 1 2  ? 5.919   -9.691  1.464   1.00 15.73 ? 12 DC  B C6    1 
ATOM   241 P P     . DG  B 1 3  ? 3.328   -10.005 -3.540  1.00 21.52 ? 13 DG  B P     1 
ATOM   242 O OP1   . DG  B 1 3  ? 3.389   -10.576 -4.918  1.00 22.41 ? 13 DG  B OP1   1 
ATOM   243 O OP2   . DG  B 1 3  ? 3.854   -8.630  -3.307  1.00 21.67 ? 13 DG  B OP2   1 
ATOM   244 O "O5'" . DG  B 1 3  ? 1.822   -10.097 -2.970  1.00 18.28 ? 13 DG  B "O5'" 1 
ATOM   245 C "C5'" . DG  B 1 3  ? 1.154   -8.969  -2.436  1.00 12.90 ? 13 DG  B "C5'" 1 
ATOM   246 C "C4'" . DG  B 1 3  ? 0.164   -9.489  -1.429  1.00 15.74 ? 13 DG  B "C4'" 1 
ATOM   247 O "O4'" . DG  B 1 3  ? 0.783   -9.908  -0.205  1.00 15.41 ? 13 DG  B "O4'" 1 
ATOM   248 C "C3'" . DG  B 1 3  ? -0.828  -8.431  -1.128  1.00 14.99 ? 13 DG  B "C3'" 1 
ATOM   249 O "O3'" . DG  B 1 3  ? -1.739  -8.548  -2.221  1.00 18.56 ? 13 DG  B "O3'" 1 
ATOM   250 C "C2'" . DG  B 1 3  ? -1.319  -8.928  0.227   1.00 14.49 ? 13 DG  B "C2'" 1 
ATOM   251 C "C1'" . DG  B 1 3  ? -0.008  -9.362  0.905   1.00 12.61 ? 13 DG  B "C1'" 1 
ATOM   252 N N9    . DG  B 1 3  ? 0.698   -8.206  1.523   1.00 9.23  ? 13 DG  B N9    1 
ATOM   253 C C8    . DG  B 1 3  ? 1.896   -7.651  1.164   1.00 8.94  ? 13 DG  B C8    1 
ATOM   254 N N7    . DG  B 1 3  ? 2.265   -6.641  1.903   1.00 7.30  ? 13 DG  B N7    1 
ATOM   255 C C5    . DG  B 1 3  ? 1.233   -6.501  2.820   1.00 8.43  ? 13 DG  B C5    1 
ATOM   256 C C6    . DG  B 1 3  ? 1.080   -5.580  3.898   1.00 9.75  ? 13 DG  B C6    1 
ATOM   257 O O6    . DG  B 1 3  ? 1.765   -4.599  4.196   1.00 14.29 ? 13 DG  B O6    1 
ATOM   258 N N1    . DG  B 1 3  ? -0.080  -5.840  4.618   1.00 5.73  ? 13 DG  B N1    1 
ATOM   259 C C2    . DG  B 1 3  ? -0.981  -6.832  4.344   1.00 2.65  ? 13 DG  B C2    1 
ATOM   260 N N2    . DG  B 1 3  ? -1.989  -6.982  5.192   1.00 2.15  ? 13 DG  B N2    1 
ATOM   261 N N3    . DG  B 1 3  ? -0.849  -7.660  3.334   1.00 2.55  ? 13 DG  B N3    1 
ATOM   262 C C4    . DG  B 1 3  ? 0.274   -7.452  2.607   1.00 6.08  ? 13 DG  B C4    1 
ATOM   263 P P     . DG  B 1 4  ? -2.570  -7.316  -2.801  1.00 15.78 ? 14 DG  B P     1 
ATOM   264 O OP1   . DG  B 1 4  ? -3.327  -8.000  -3.867  1.00 12.44 ? 14 DG  B OP1   1 
ATOM   265 O OP2   . DG  B 1 4  ? -1.821  -6.082  -3.117  1.00 16.99 ? 14 DG  B OP2   1 
ATOM   266 O "O5'" . DG  B 1 4  ? -3.544  -6.904  -1.589  1.00 12.34 ? 14 DG  B "O5'" 1 
ATOM   267 C "C5'" . DG  B 1 4  ? -4.565  -7.770  -1.110  1.00 15.26 ? 14 DG  B "C5'" 1 
ATOM   268 C "C4'" . DG  B 1 4  ? -5.110  -7.352  0.236   1.00 11.81 ? 14 DG  B "C4'" 1 
ATOM   269 O "O4'" . DG  B 1 4  ? -4.068  -7.312  1.238   1.00 14.56 ? 14 DG  B "O4'" 1 
ATOM   270 C "C3'" . DG  B 1 4  ? -5.724  -5.995  0.192   1.00 10.90 ? 14 DG  B "C3'" 1 
ATOM   271 O "O3'" . DG  B 1 4  ? -7.019  -6.092  -0.375  1.00 16.35 ? 14 DG  B "O3'" 1 
ATOM   272 C "C2'" . DG  B 1 4  ? -5.748  -5.746  1.653   1.00 8.75  ? 14 DG  B "C2'" 1 
ATOM   273 C "C1'" . DG  B 1 4  ? -4.403  -6.220  2.120   1.00 8.31  ? 14 DG  B "C1'" 1 
ATOM   274 N N9    . DG  B 1 4  ? -3.361  -5.171  2.047   1.00 6.83  ? 14 DG  B N9    1 
ATOM   275 C C8    . DG  B 1 4  ? -2.255  -5.108  1.251   1.00 4.36  ? 14 DG  B C8    1 
ATOM   276 N N7    . DG  B 1 4  ? -1.391  -4.209  1.615   1.00 5.76  ? 14 DG  B N7    1 
ATOM   277 C C5    . DG  B 1 4  ? -1.980  -3.618  2.740   1.00 8.36  ? 14 DG  B C5    1 
ATOM   278 C C6    . DG  B 1 4  ? -1.513  -2.571  3.585   1.00 10.81 ? 14 DG  B C6    1 
ATOM   279 O O6    . DG  B 1 4  ? -0.396  -2.044  3.614   1.00 10.46 ? 14 DG  B O6    1 
ATOM   280 N N1    . DG  B 1 4  ? -2.441  -2.259  4.552   1.00 7.70  ? 14 DG  B N1    1 
ATOM   281 C C2    . DG  B 1 4  ? -3.657  -2.872  4.731   1.00 6.88  ? 14 DG  B C2    1 
ATOM   282 N N2    . DG  B 1 4  ? -4.438  -2.447  5.715   1.00 4.21  ? 14 DG  B N2    1 
ATOM   283 N N3    . DG  B 1 4  ? -4.084  -3.870  3.969   1.00 7.97  ? 14 DG  B N3    1 
ATOM   284 C C4    . DG  B 1 4  ? -3.194  -4.185  2.996   1.00 7.79  ? 14 DG  B C4    1 
ATOM   285 P P     . DC  B 1 5  ? -7.601  -4.809  -1.111  1.00 18.17 ? 15 DC  B P     1 
ATOM   286 O OP1   . DC  B 1 5  ? -8.788  -5.560  -1.598  1.00 23.53 ? 15 DC  B OP1   1 
ATOM   287 O OP2   . DC  B 1 5  ? -6.773  -4.042  -2.060  1.00 23.09 ? 15 DC  B OP2   1 
ATOM   288 O "O5'" . DC  B 1 5  ? -8.074  -3.870  0.085   1.00 20.88 ? 15 DC  B "O5'" 1 
ATOM   289 C "C5'" . DC  B 1 5  ? -9.209  -4.227  0.894   1.00 16.99 ? 15 DC  B "C5'" 1 
ATOM   290 C "C4'" . DC  B 1 5  ? -9.465  -3.285  2.060   1.00 16.47 ? 15 DC  B "C4'" 1 
ATOM   291 O "O4'" . DC  B 1 5  ? -8.321  -3.236  2.935   1.00 14.34 ? 15 DC  B "O4'" 1 
ATOM   292 C "C3'" . DC  B 1 5  ? -9.699  -1.852  1.599   1.00 17.63 ? 15 DC  B "C3'" 1 
ATOM   293 O "O3'" . DC  B 1 5  ? -11.045 -1.537  1.124   1.00 16.81 ? 15 DC  B "O3'" 1 
ATOM   294 C "C2'" . DC  B 1 5  ? -9.202  -1.074  2.802   1.00 12.88 ? 15 DC  B "C2'" 1 
ATOM   295 C "C1'" . DC  B 1 5  ? -7.989  -1.866  3.244   1.00 14.19 ? 15 DC  B "C1'" 1 
ATOM   296 N N1    . DC  B 1 5  ? -6.690  -1.435  2.626   1.00 10.36 ? 15 DC  B N1    1 
ATOM   297 C C2    . DC  B 1 5  ? -5.982  -0.427  3.295   1.00 13.07 ? 15 DC  B C2    1 
ATOM   298 O O2    . DC  B 1 5  ? -6.451  0.201   4.244   1.00 11.62 ? 15 DC  B O2    1 
ATOM   299 N N3    . DC  B 1 5  ? -4.749  -0.093  2.860   1.00 9.60  ? 15 DC  B N3    1 
ATOM   300 C C4    . DC  B 1 5  ? -4.209  -0.701  1.800   1.00 9.75  ? 15 DC  B C4    1 
ATOM   301 N N4    . DC  B 1 5  ? -2.920  -0.432  1.571   1.00 10.36 ? 15 DC  B N4    1 
ATOM   302 C C5    . DC  B 1 5  ? -4.917  -1.705  1.064   1.00 8.80  ? 15 DC  B C5    1 
ATOM   303 C C6    . DC  B 1 5  ? -6.144  -2.043  1.518   1.00 11.04 ? 15 DC  B C6    1 
ATOM   304 P P     . DG  B 1 6  ? -11.004 -0.359  0.024   1.00 23.27 ? 16 DG  B P     1 
ATOM   305 O OP1   . DG  B 1 6  ? -12.484 -0.363  0.087   1.00 22.76 ? 16 DG  B OP1   1 
ATOM   306 O OP2   . DG  B 1 6  ? -10.338 -1.063  -1.099  1.00 24.12 ? 16 DG  B OP2   1 
ATOM   307 O "O5'" . DG  B 1 6  ? -10.361 1.127   -0.053  1.00 18.16 ? 16 DG  B "O5'" 1 
ATOM   308 C "C5'" . DG  B 1 6  ? -10.836 2.064   0.869   1.00 18.35 ? 16 DG  B "C5'" 1 
ATOM   309 C "C4'" . DG  B 1 6  ? -9.841  3.106   1.291   1.00 17.50 ? 16 DG  B "C4'" 1 
ATOM   310 O "O4'" . DG  B 1 6  ? -8.709  2.561   1.963   1.00 15.59 ? 16 DG  B "O4'" 1 
ATOM   311 C "C3'" . DG  B 1 6  ? -9.330  4.055   0.256   1.00 17.67 ? 16 DG  B "C3'" 1 
ATOM   312 O "O3'" . DG  B 1 6  ? -10.397 4.939   -0.167  1.00 23.53 ? 16 DG  B "O3'" 1 
ATOM   313 C "C2'" . DG  B 1 6  ? -8.351  4.720   1.191   1.00 16.53 ? 16 DG  B "C2'" 1 
ATOM   314 C "C1'" . DG  B 1 6  ? -7.709  3.579   1.968   1.00 15.43 ? 16 DG  B "C1'" 1 
ATOM   315 N N9    . DG  B 1 6  ? -6.532  3.027   1.295   1.00 14.23 ? 16 DG  B N9    1 
ATOM   316 C C8    . DG  B 1 6  ? -6.405  1.887   0.515   1.00 13.86 ? 16 DG  B C8    1 
ATOM   317 N N7    . DG  B 1 6  ? -5.191  1.680   0.100   1.00 10.67 ? 16 DG  B N7    1 
ATOM   318 C C5    . DG  B 1 6  ? -4.481  2.748   0.648   1.00 13.65 ? 16 DG  B C5    1 
ATOM   319 C C6    . DG  B 1 6  ? -3.119  3.098   0.533   1.00 10.61 ? 16 DG  B C6    1 
ATOM   320 O O6    . DG  B 1 6  ? -2.237  2.475   -0.009  1.00 10.52 ? 16 DG  B O6    1 
ATOM   321 N N1    . DG  B 1 6  ? -2.814  4.277   1.187   1.00 14.28 ? 16 DG  B N1    1 
ATOM   322 C C2    . DG  B 1 6  ? -3.714  5.046   1.888   1.00 12.13 ? 16 DG  B C2    1 
ATOM   323 N N2    . DG  B 1 6  ? -3.305  6.172   2.453   1.00 10.28 ? 16 DG  B N2    1 
ATOM   324 N N3    . DG  B 1 6  ? -4.990  4.709   2.003   1.00 15.53 ? 16 DG  B N3    1 
ATOM   325 C C4    . DG  B 1 6  ? -5.302  3.562   1.367   1.00 12.03 ? 16 DG  B C4    1 
ATOM   326 P P     . DC  B 1 7  ? -10.491 5.652   -1.637  1.00 19.94 ? 17 DC  B P     1 
ATOM   327 O OP1   . DC  B 1 7  ? -11.882 5.917   -1.174  1.00 18.85 ? 17 DC  B OP1   1 
ATOM   328 O OP2   . DC  B 1 7  ? -10.225 4.748   -2.765  1.00 21.49 ? 17 DC  B OP2   1 
ATOM   329 O "O5'" . DC  B 1 7  ? -9.606  7.037   -1.711  1.00 17.70 ? 17 DC  B "O5'" 1 
ATOM   330 C "C5'" . DC  B 1 7  ? -9.956  8.180   -0.921  1.00 17.29 ? 17 DC  B "C5'" 1 
ATOM   331 C "C4'" . DC  B 1 7  ? -8.788  9.048   -0.494  1.00 19.19 ? 17 DC  B "C4'" 1 
ATOM   332 O "O4'" . DC  B 1 7  ? -7.858  8.290   0.308   1.00 20.08 ? 17 DC  B "O4'" 1 
ATOM   333 C "C3'" . DC  B 1 7  ? -8.003  9.510   -1.695  1.00 21.26 ? 17 DC  B "C3'" 1 
ATOM   334 O "O3'" . DC  B 1 7  ? -8.632  10.565  -2.453  1.00 23.03 ? 17 DC  B "O3'" 1 
ATOM   335 C "C2'" . DC  B 1 7  ? -6.701  9.831   -1.025  1.00 18.88 ? 17 DC  B "C2'" 1 
ATOM   336 C "C1'" . DC  B 1 7  ? -6.510  8.636   -0.092  1.00 18.39 ? 17 DC  B "C1'" 1 
ATOM   337 N N1    . DC  B 1 7  ? -5.774  7.495   -0.716  1.00 12.74 ? 17 DC  B N1    1 
ATOM   338 C C2    . DC  B 1 7  ? -4.401  7.569   -0.786  1.00 13.09 ? 17 DC  B C2    1 
ATOM   339 O O2    . DC  B 1 7  ? -3.777  8.580   -0.439  1.00 12.24 ? 17 DC  B O2    1 
ATOM   340 N N3    . DC  B 1 7  ? -3.735  6.517   -1.335  1.00 14.35 ? 17 DC  B N3    1 
ATOM   341 C C4    . DC  B 1 7  ? -4.408  5.457   -1.796  1.00 13.79 ? 17 DC  B C4    1 
ATOM   342 N N4    . DC  B 1 7  ? -3.731  4.400   -2.242  1.00 16.68 ? 17 DC  B N4    1 
ATOM   343 C C5    . DC  B 1 7  ? -5.828  5.393   -1.741  1.00 11.59 ? 17 DC  B C5    1 
ATOM   344 C C6    . DC  B 1 7  ? -6.451  6.432   -1.186  1.00 8.53  ? 17 DC  B C6    1 
ATOM   345 P P     . DC  B 1 8  ? -8.768  10.324  -4.061  1.00 28.77 ? 18 DC  B P     1 
ATOM   346 O OP1   . DC  B 1 8  ? -9.653  11.489  -4.355  1.00 27.91 ? 18 DC  B OP1   1 
ATOM   347 O OP2   . DC  B 1 8  ? -9.039  8.971   -4.656  1.00 24.48 ? 18 DC  B OP2   1 
ATOM   348 O "O5'" . DC  B 1 8  ? -7.282  10.726  -4.615  1.00 26.69 ? 18 DC  B "O5'" 1 
ATOM   349 C "C5'" . DC  B 1 8  ? -6.613  11.955  -4.392  1.00 22.45 ? 18 DC  B "C5'" 1 
ATOM   350 C "C4'" . DC  B 1 8  ? -5.119  11.741  -4.562  1.00 20.14 ? 18 DC  B "C4'" 1 
ATOM   351 O "O4'" . DC  B 1 8  ? -4.730  10.594  -3.771  1.00 17.95 ? 18 DC  B "O4'" 1 
ATOM   352 C "C3'" . DC  B 1 8  ? -4.611  11.429  -5.952  1.00 20.46 ? 18 DC  B "C3'" 1 
ATOM   353 O "O3'" . DC  B 1 8  ? -4.573  12.556  -6.868  1.00 22.52 ? 18 DC  B "O3'" 1 
ATOM   354 C "C2'" . DC  B 1 8  ? -3.245  10.843  -5.600  1.00 18.70 ? 18 DC  B "C2'" 1 
ATOM   355 C "C1'" . DC  B 1 8  ? -3.473  10.072  -4.275  1.00 18.68 ? 18 DC  B "C1'" 1 
ATOM   356 N N1    . DC  B 1 8  ? -3.601  8.620   -4.511  1.00 18.17 ? 18 DC  B N1    1 
ATOM   357 C C2    . DC  B 1 8  ? -2.447  7.845   -4.659  1.00 16.98 ? 18 DC  B C2    1 
ATOM   358 O O2    . DC  B 1 8  ? -1.309  8.288   -4.507  1.00 20.32 ? 18 DC  B O2    1 
ATOM   359 N N3    . DC  B 1 8  ? -2.597  6.545   -4.967  1.00 16.82 ? 18 DC  B N3    1 
ATOM   360 C C4    . DC  B 1 8  ? -3.817  6.016   -5.120  1.00 15.76 ? 18 DC  B C4    1 
ATOM   361 N N4    . DC  B 1 8  ? -3.913  4.745   -5.472  1.00 13.34 ? 18 DC  B N4    1 
ATOM   362 C C5    . DC  B 1 8  ? -5.011  6.780   -4.955  1.00 12.67 ? 18 DC  B C5    1 
ATOM   363 C C6    . DC  B 1 8  ? -4.855  8.075   -4.658  1.00 14.81 ? 18 DC  B C6    1 
ATOM   364 P P     . DG  B 1 9  ? -4.423  12.183  -8.444  1.00 18.68 ? 19 DG  B P     1 
ATOM   365 O OP1   . DG  B 1 9  ? -4.693  13.613  -8.719  1.00 20.58 ? 19 DG  B OP1   1 
ATOM   366 O OP2   . DG  B 1 9  ? -5.320  11.138  -8.973  1.00 18.98 ? 19 DG  B OP2   1 
ATOM   367 O "O5'" . DG  B 1 9  ? -2.950  11.768  -8.826  1.00 14.67 ? 19 DG  B "O5'" 1 
ATOM   368 C "C5'" . DG  B 1 9  ? -1.823  12.588  -8.612  1.00 14.92 ? 19 DG  B "C5'" 1 
ATOM   369 C "C4'" . DG  B 1 9  ? -0.617  11.712  -8.589  1.00 11.67 ? 19 DG  B "C4'" 1 
ATOM   370 O "O4'" . DG  B 1 9  ? -0.824  10.631  -7.691  1.00 13.34 ? 19 DG  B "O4'" 1 
ATOM   371 C "C3'" . DG  B 1 9  ? -0.356  11.005  -9.866  1.00 12.46 ? 19 DG  B "C3'" 1 
ATOM   372 O "O3'" . DG  B 1 9  ? 0.180   11.872  -10.876 1.00 12.97 ? 19 DG  B "O3'" 1 
ATOM   373 C "C2'" . DG  B 1 9  ? 0.635   9.977   -9.387  1.00 10.60 ? 19 DG  B "C2'" 1 
ATOM   374 C "C1'" . DG  B 1 9  ? 0.046   9.536   -8.091  1.00 11.00 ? 19 DG  B "C1'" 1 
ATOM   375 N N9    . DG  B 1 9  ? -0.749  8.328   -8.248  1.00 8.91  ? 19 DG  B N9    1 
ATOM   376 C C8    . DG  B 1 9  ? -2.111  8.229   -8.124  1.00 7.23  ? 19 DG  B C8    1 
ATOM   377 N N7    . DG  B 1 9  ? -2.545  7.045   -8.259  1.00 8.80  ? 19 DG  B N7    1 
ATOM   378 C C5    . DG  B 1 9  ? -1.398  6.297   -8.506  1.00 8.99  ? 19 DG  B C5    1 
ATOM   379 C C6    . DG  B 1 9  ? -1.256  4.901   -8.637  1.00 9.86  ? 19 DG  B C6    1 
ATOM   380 O O6    . DG  B 1 9  ? -2.161  4.068   -8.611  1.00 14.98 ? 19 DG  B O6    1 
ATOM   381 N N1    . DG  B 1 9  ? 0.083   4.498   -8.744  1.00 8.65  ? 19 DG  B N1    1 
ATOM   382 C C2    . DG  B 1 9  ? 1.163   5.358   -8.737  1.00 8.58  ? 19 DG  B C2    1 
ATOM   383 N N2    . DG  B 1 9  ? 2.371   4.842   -9.004  1.00 8.82  ? 19 DG  B N2    1 
ATOM   384 N N3    . DG  B 1 9  ? 1.013   6.687   -8.592  1.00 9.44  ? 19 DG  B N3    1 
ATOM   385 C C4    . DG  B 1 9  ? -0.287  7.081   -8.491  1.00 8.64  ? 19 DG  B C4    1 
ATOM   386 P P     . G   B 1 10 ? 0.191   11.326  -12.380 1.00 16.17 ? 20 G   B P     1 
ATOM   387 O OP1   . G   B 1 10 ? 0.710   12.560  -12.979 1.00 11.59 ? 20 G   B OP1   1 
ATOM   388 O OP2   . G   B 1 10 ? -1.118  10.829  -12.834 1.00 19.70 ? 20 G   B OP2   1 
ATOM   389 O "O5'" . G   B 1 10 ? 1.254   10.145  -12.510 1.00 15.64 ? 20 G   B "O5'" 1 
ATOM   390 C "C5'" . G   B 1 10 ? 2.664   10.352  -12.308 1.00 13.60 ? 20 G   B "C5'" 1 
ATOM   391 C "C4'" . G   B 1 10 ? 3.353   9.082   -12.670 1.00 11.64 ? 20 G   B "C4'" 1 
ATOM   392 O "O4'" . G   B 1 10 ? 2.899   8.071   -11.805 1.00 12.78 ? 20 G   B "O4'" 1 
ATOM   393 C "C3'" . G   B 1 10 ? 2.867   8.589   -14.045 1.00 9.26  ? 20 G   B "C3'" 1 
ATOM   394 O "O3'" . G   B 1 10 ? 3.611   9.241   -15.061 1.00 8.82  ? 20 G   B "O3'" 1 
ATOM   395 C "C2'" . G   B 1 10 ? 3.123   7.119   -13.995 1.00 10.28 ? 20 G   B "C2'" 1 
ATOM   396 O "O2'" . G   B 1 10 ? 4.509   6.829   -14.045 1.00 14.06 ? 20 G   B "O2'" 1 
ATOM   397 C "C1'" . G   B 1 10 ? 2.752   6.846   -12.548 1.00 11.06 ? 20 G   B "C1'" 1 
ATOM   398 N N9    . G   B 1 10 ? 1.400   6.310   -12.435 1.00 8.70  ? 20 G   B N9    1 
ATOM   399 C C8    . G   B 1 10 ? 0.239   6.990   -12.204 1.00 8.15  ? 20 G   B C8    1 
ATOM   400 N N7    . G   B 1 10 ? -0.786  6.218   -12.052 1.00 9.88  ? 20 G   B N7    1 
ATOM   401 C C5    . G   B 1 10 ? -0.270  4.923   -12.202 1.00 10.42 ? 20 G   B C5    1 
ATOM   402 C C6    . G   B 1 10 ? -0.936  3.664   -12.156 1.00 11.50 ? 20 G   B C6    1 
ATOM   403 O O6    . G   B 1 10 ? -2.126  3.444   -11.941 1.00 13.46 ? 20 G   B O6    1 
ATOM   404 N N1    . G   B 1 10 ? -0.072  2.612   -12.356 1.00 8.26  ? 20 G   B N1    1 
ATOM   405 C C2    . G   B 1 10 ? 1.283   2.728   -12.576 1.00 7.88  ? 20 G   B C2    1 
ATOM   406 N N2    . G   B 1 10 ? 1.969   1.583   -12.701 1.00 6.62  ? 20 G   B N2    1 
ATOM   407 N N3    . G   B 1 10 ? 1.924   3.918   -12.634 1.00 8.59  ? 20 G   B N3    1 
ATOM   408 C C4    . G   B 1 10 ? 1.074   4.970   -12.435 1.00 7.98  ? 20 G   B C4    1 
HETATM 409 N N1    . SPM C 2 .  ? 2.231   11.116  10.536  1.00 40.13 ? 21 SPM A N1    1 
HETATM 410 C C2    . SPM C 2 .  ? 3.702   11.471  10.269  1.00 38.06 ? 21 SPM A C2    1 
HETATM 411 C C3    . SPM C 2 .  ? 4.014   11.154  8.808   1.00 36.69 ? 21 SPM A C3    1 
HETATM 412 C C4    . SPM C 2 .  ? 5.486   10.923  8.539   1.00 35.02 ? 21 SPM A C4    1 
HETATM 413 N N5    . SPM C 2 .  ? 5.649   10.526  7.089   1.00 32.86 ? 21 SPM A N5    1 
HETATM 414 C C6    . SPM C 2 .  ? 7.069   10.010  7.016   1.00 32.94 ? 21 SPM A C6    1 
HETATM 415 C C7    . SPM C 2 .  ? 7.541   10.008  5.604   1.00 31.05 ? 21 SPM A C7    1 
HETATM 416 C C8    . SPM C 2 .  ? 8.847   9.271   5.582   1.00 30.79 ? 21 SPM A C8    1 
HETATM 417 C C9    . SPM C 2 .  ? 9.540   9.463   4.260   1.00 28.48 ? 21 SPM A C9    1 
HETATM 418 N N10   . SPM C 2 .  ? 10.787  8.616   4.230   1.00 28.45 ? 21 SPM A N10   1 
HETATM 419 C C11   . SPM C 2 .  ? 11.913  9.541   3.829   1.00 30.71 ? 21 SPM A C11   1 
HETATM 420 C C12   . SPM C 2 .  ? 13.178  8.809   3.408   1.00 31.37 ? 21 SPM A C12   1 
HETATM 421 C C13   . SPM C 2 .  ? 14.191  9.913   3.207   1.00 32.44 ? 21 SPM A C13   1 
HETATM 422 N N14   . SPM C 2 .  ? 14.961  9.590   1.953   1.00 34.72 ? 21 SPM A N14   1 
HETATM 423 O O     . HOH D 3 .  ? 5.047   -5.113  -12.465 1.00 21.92 ? 25 HOH A O     1 
HETATM 424 O O     . HOH D 3 .  ? -0.572  -13.370 14.988  1.00 20.30 ? 28 HOH A O     1 
HETATM 425 O O     . HOH D 3 .  ? -3.658  -11.028 14.326  1.00 19.82 ? 29 HOH A O     1 
HETATM 426 O O     . HOH D 3 .  ? 2.572   3.321   7.644   1.00 53.92 ? 30 HOH A O     1 
HETATM 427 O O     . HOH D 3 .  ? 2.573   -5.398  9.774   1.00 22.27 ? 31 HOH A O     1 
HETATM 428 O O     . HOH D 3 .  ? 1.161   -3.563  11.579  1.00 37.71 ? 32 HOH A O     1 
HETATM 429 O O     . HOH D 3 .  ? 2.197   2.610   4.112   1.00 21.79 ? 34 HOH A O     1 
HETATM 430 O O     . HOH D 3 .  ? 2.106   2.042   -2.048  1.00 29.99 ? 36 HOH A O     1 
HETATM 431 O O     . HOH D 3 .  ? -1.856  -11.606 5.006   1.00 27.77 ? 37 HOH A O     1 
HETATM 432 O O     . HOH D 3 .  ? 11.173  2.090   -2.743  1.00 36.42 ? 39 HOH A O     1 
HETATM 433 O O     . HOH D 3 .  ? 4.701   -7.133  8.630   1.00 69.56 ? 40 HOH A O     1 
HETATM 434 O O     . HOH D 3 .  ? 1.331   0.166   1.851   1.00 31.09 ? 41 HOH A O     1 
HETATM 435 O O     . HOH D 3 .  ? 4.917   -6.926  -6.709  1.00 54.80 ? 42 HOH A O     1 
HETATM 436 O O     . HOH D 3 .  ? 9.939   2.173   -0.147  1.00 68.31 ? 43 HOH A O     1 
HETATM 437 O O     . HOH D 3 .  ? 3.475   6.339   14.017  1.00 49.77 ? 44 HOH A O     1 
HETATM 438 O O     . HOH D 3 .  ? -0.131  -7.820  -5.762  1.00 32.50 ? 46 HOH A O     1 
HETATM 439 O O     . HOH D 3 .  ? 0.491   -9.834  14.978  1.00 32.25 ? 50 HOH A O     1 
HETATM 440 O O     . HOH D 3 .  ? 1.614   -9.364  12.007  1.00 61.84 ? 54 HOH A O     1 
HETATM 441 O O     . HOH D 3 .  ? 9.930   9.338   -0.875  1.00 21.30 ? 55 HOH A O     1 
HETATM 442 O O     . HOH D 3 .  ? 2.355   8.723   12.000  1.00 39.11 ? 56 HOH A O     1 
HETATM 443 O O     . HOH D 3 .  ? 10.076  -1.667  -5.298  1.00 55.81 ? 58 HOH A O     1 
HETATM 444 O O     . HOH D 3 .  ? 5.521   4.295   0.759   1.00 46.35 ? 60 HOH A O     1 
HETATM 445 O O     . HOH D 3 .  ? 9.331   0.092   -3.166  1.00 60.91 ? 62 HOH A O     1 
HETATM 446 O O     . HOH D 3 .  ? -4.405  -5.209  -12.097 1.00 46.27 ? 63 HOH A O     1 
HETATM 447 O O     . HOH D 3 .  ? 7.062   0.802   -0.956  1.00 28.03 ? 64 HOH A O     1 
HETATM 448 O O     . HOH D 3 .  ? -3.700  -1.120  -8.373  1.00 36.90 ? 66 HOH A O     1 
HETATM 449 O O     . HOH D 3 .  ? 2.371   -6.190  -5.276  1.00 71.03 ? 67 HOH A O     1 
HETATM 450 O O     . HOH D 3 .  ? -1.799  -3.781  -8.386  1.00 35.34 ? 68 HOH A O     1 
HETATM 451 O O     . HOH D 3 .  ? 12.172  2.433   7.508   1.00 47.99 ? 73 HOH A O     1 
HETATM 452 O O     . HOH D 3 .  ? -3.410  -4.359  -6.271  1.00 40.81 ? 74 HOH A O     1 
HETATM 453 O O     . HOH D 3 .  ? 3.351   -3.855  -1.885  1.00 70.98 ? 75 HOH A O     1 
HETATM 454 O O     . HOH D 3 .  ? -5.781  0.864   -8.678  1.00 80.35 ? 80 HOH A O     1 
HETATM 455 O O     . HOH D 3 .  ? -5.444  -2.520  -10.520 1.00 72.90 ? 81 HOH A O     1 
HETATM 456 O O     . HOH D 3 .  ? 11.808  2.373   2.274   1.00 55.82 ? 82 HOH A O     1 
HETATM 457 O O     . HOH D 3 .  ? -1.637  -6.708  -7.833  1.00 91.06 ? 83 HOH A O     1 
HETATM 458 O O     . HOH D 3 .  ? -7.329  -4.391  13.820  1.00 97.71 ? 84 HOH A O     1 
HETATM 459 O O     . HOH D 3 .  ? 2.883   -0.797  -2.294  1.00 76.69 ? 86 HOH A O     1 
HETATM 460 O O     . HOH D 3 .  ? 0.604   12.189  12.504  1.00 49.18 ? 87 HOH A O     1 
HETATM 461 O O     . HOH E 3 .  ? -5.018  1.848   -3.867  1.00 16.09 ? 22 HOH B O     1 
HETATM 462 O O     . HOH E 3 .  ? -2.825  -9.874  3.123   1.00 18.38 ? 23 HOH B O     1 
HETATM 463 O O     . HOH E 3 .  ? -2.872  8.937   -11.952 1.00 18.46 ? 24 HOH B O     1 
HETATM 464 O O     . HOH E 3 .  ? -4.221  15.750  -10.556 1.00 63.34 ? 26 HOH B O     1 
HETATM 465 O O     . HOH E 3 .  ? -2.457  8.971   3.703   1.00 59.88 ? 27 HOH B O     1 
HETATM 466 O O     . HOH E 3 .  ? -9.978  -7.616  -0.334  1.00 27.19 ? 33 HOH B O     1 
HETATM 467 O O     . HOH E 3 .  ? -0.826  1.632   -2.171  1.00 24.27 ? 35 HOH B O     1 
HETATM 468 O O     . HOH E 3 .  ? -4.106  -0.130  -1.847  1.00 34.51 ? 38 HOH B O     1 
HETATM 469 O O     . HOH E 3 .  ? 10.601  -12.287 -4.825  1.00 32.13 ? 45 HOH B O     1 
HETATM 470 O O     . HOH E 3 .  ? -8.239  1.922   -2.368  1.00 61.29 ? 47 HOH B O     1 
HETATM 471 O O     . HOH E 3 .  ? 4.316   -4.956  1.712   1.00 19.39 ? 48 HOH B O     1 
HETATM 472 O O     . HOH E 3 .  ? 0.862   -3.816  0.016   1.00 33.58 ? 49 HOH B O     1 
HETATM 473 O O     . HOH E 3 .  ? -8.153  6.226   -4.114  1.00 44.75 ? 51 HOH B O     1 
HETATM 474 O O     . HOH E 3 .  ? 5.407   -10.719 -7.434  1.00 43.33 ? 52 HOH B O     1 
HETATM 475 O O     . HOH E 3 .  ? -13.536 7.224   -3.881  1.00 42.79 ? 53 HOH B O     1 
HETATM 476 O O     . HOH E 3 .  ? 7.669   -6.926  0.264   1.00 32.36 ? 57 HOH B O     1 
HETATM 477 O O     . HOH E 3 .  ? -13.903 6.533   0.850   1.00 25.61 ? 59 HOH B O     1 
HETATM 478 O O     . HOH E 3 .  ? -4.152  -2.969  -1.642  1.00 35.93 ? 61 HOH B O     1 
HETATM 479 O O     . HOH E 3 .  ? 2.036   -2.505  2.117   1.00 41.06 ? 65 HOH B O     1 
HETATM 480 O O     . HOH E 3 .  ? -6.695  -1.116  -2.142  1.00 65.95 ? 69 HOH B O     1 
HETATM 481 O O     . HOH E 3 .  ? 5.051   -6.682  -0.366  1.00 37.59 ? 70 HOH B O     1 
HETATM 482 O O     . HOH E 3 .  ? -10.315 9.525   -7.057  1.00 67.65 ? 71 HOH B O     1 
HETATM 483 O O     . HOH E 3 .  ? -6.537  15.093  -7.273  1.00 49.61 ? 72 HOH B O     1 
HETATM 484 O O     . HOH E 3 .  ? -12.234 9.268   -5.134  1.00 59.20 ? 76 HOH B O     1 
HETATM 485 O O     . HOH E 3 .  ? -1.696  -0.997  -0.897  1.00 75.20 ? 77 HOH B O     1 
HETATM 486 O O     . HOH E 3 .  ? -8.559  13.352  -6.461  1.00 79.41 ? 78 HOH B O     1 
HETATM 487 O O     . HOH E 3 .  ? -7.957  10.046  -8.451  1.00 71.79 ? 79 HOH B O     1 
HETATM 488 O O     . HOH E 3 .  ? 6.668   -5.950  6.066   1.00 80.86 ? 85 HOH B O     1 
HETATM 489 O O     . HOH E 3 .  ? -8.773  8.015   2.918   1.00 83.02 ? 88 HOH B O     1 
# 
loop_
_pdbx_poly_seq_scheme.asym_id 
_pdbx_poly_seq_scheme.entity_id 
_pdbx_poly_seq_scheme.seq_id 
_pdbx_poly_seq_scheme.mon_id 
_pdbx_poly_seq_scheme.ndb_seq_num 
_pdbx_poly_seq_scheme.pdb_seq_num 
_pdbx_poly_seq_scheme.auth_seq_num 
_pdbx_poly_seq_scheme.pdb_mon_id 
_pdbx_poly_seq_scheme.auth_mon_id 
_pdbx_poly_seq_scheme.pdb_strand_id 
_pdbx_poly_seq_scheme.pdb_ins_code 
_pdbx_poly_seq_scheme.hetero 
A 1 1  C  1  1  1  C  C A . n 
A 1 2  DC 2  2  2  DC C A . n 
A 1 3  DG 3  3  3  DG G A . n 
A 1 4  DG 4  4  4  DG G A . n 
A 1 5  DC 5  5  5  DC C A . n 
A 1 6  DG 6  6  6  DG G A . n 
A 1 7  DC 7  7  7  DC C A . n 
A 1 8  DC 8  8  8  DC C A . n 
A 1 9  DG 9  9  9  DG G A . n 
A 1 10 G  10 10 10 G  G A . n 
B 1 1  C  1  11 11 C  C B . n 
B 1 2  DC 2  12 12 DC C B . n 
B 1 3  DG 3  13 13 DG G B . n 
B 1 4  DG 4  14 14 DG G B . n 
B 1 5  DC 5  15 15 DC C B . n 
B 1 6  DG 6  16 16 DG G B . n 
B 1 7  DC 7  17 17 DC C B . n 
B 1 8  DC 8  18 18 DC C B . n 
B 1 9  DG 9  19 19 DG G B . n 
B 1 10 G  10 20 20 G  G B . n 
# 
loop_
_pdbx_nonpoly_scheme.asym_id 
_pdbx_nonpoly_scheme.entity_id 
_pdbx_nonpoly_scheme.mon_id 
_pdbx_nonpoly_scheme.ndb_seq_num 
_pdbx_nonpoly_scheme.pdb_seq_num 
_pdbx_nonpoly_scheme.auth_seq_num 
_pdbx_nonpoly_scheme.pdb_mon_id 
_pdbx_nonpoly_scheme.auth_mon_id 
_pdbx_nonpoly_scheme.pdb_strand_id 
_pdbx_nonpoly_scheme.pdb_ins_code 
C 2 SPM 1  21 21 SPM SPM A . 
D 3 HOH 1  25 25 HOH HOH A . 
D 3 HOH 2  28 28 HOH HOH A . 
D 3 HOH 3  29 29 HOH HOH A . 
D 3 HOH 4  30 30 HOH HOH A . 
D 3 HOH 5  31 31 HOH HOH A . 
D 3 HOH 6  32 32 HOH HOH A . 
D 3 HOH 7  34 34 HOH HOH A . 
D 3 HOH 8  36 36 HOH HOH A . 
D 3 HOH 9  37 37 HOH HOH A . 
D 3 HOH 10 39 39 HOH HOH A . 
D 3 HOH 11 40 40 HOH HOH A . 
D 3 HOH 12 41 41 HOH HOH A . 
D 3 HOH 13 42 42 HOH HOH A . 
D 3 HOH 14 43 43 HOH HOH A . 
D 3 HOH 15 44 44 HOH HOH A . 
D 3 HOH 16 46 46 HOH HOH A . 
D 3 HOH 17 50 50 HOH HOH A . 
D 3 HOH 18 54 54 HOH HOH A . 
D 3 HOH 19 55 55 HOH HOH A . 
D 3 HOH 20 56 56 HOH HOH A . 
D 3 HOH 21 58 58 HOH HOH A . 
D 3 HOH 22 60 60 HOH HOH A . 
D 3 HOH 23 62 62 HOH HOH A . 
D 3 HOH 24 63 63 HOH HOH A . 
D 3 HOH 25 64 64 HOH HOH A . 
D 3 HOH 26 66 66 HOH HOH A . 
D 3 HOH 27 67 67 HOH HOH A . 
D 3 HOH 28 68 68 HOH HOH A . 
D 3 HOH 29 73 73 HOH HOH A . 
D 3 HOH 30 74 74 HOH HOH A . 
D 3 HOH 31 75 75 HOH HOH A . 
D 3 HOH 32 80 80 HOH HOH A . 
D 3 HOH 33 81 81 HOH HOH A . 
D 3 HOH 34 82 82 HOH HOH A . 
D 3 HOH 35 83 83 HOH HOH A . 
D 3 HOH 36 84 84 HOH HOH A . 
D 3 HOH 37 86 86 HOH HOH A . 
D 3 HOH 38 87 87 HOH HOH A . 
E 3 HOH 1  22 22 HOH HOH B . 
E 3 HOH 2  23 23 HOH HOH B . 
E 3 HOH 3  24 24 HOH HOH B . 
E 3 HOH 4  26 26 HOH HOH B . 
E 3 HOH 5  27 27 HOH HOH B . 
E 3 HOH 6  33 33 HOH HOH B . 
E 3 HOH 7  35 35 HOH HOH B . 
E 3 HOH 8  38 38 HOH HOH B . 
E 3 HOH 9  45 45 HOH HOH B . 
E 3 HOH 10 47 47 HOH HOH B . 
E 3 HOH 11 48 48 HOH HOH B . 
E 3 HOH 12 49 49 HOH HOH B . 
E 3 HOH 13 51 51 HOH HOH B . 
E 3 HOH 14 52 52 HOH HOH B . 
E 3 HOH 15 53 53 HOH HOH B . 
E 3 HOH 16 57 57 HOH HOH B . 
E 3 HOH 17 59 59 HOH HOH B . 
E 3 HOH 18 61 61 HOH HOH B . 
E 3 HOH 19 65 65 HOH HOH B . 
E 3 HOH 20 69 69 HOH HOH B . 
E 3 HOH 21 70 70 HOH HOH B . 
E 3 HOH 22 71 71 HOH HOH B . 
E 3 HOH 23 72 72 HOH HOH B . 
E 3 HOH 24 76 76 HOH HOH B . 
E 3 HOH 25 77 77 HOH HOH B . 
E 3 HOH 26 78 78 HOH HOH B . 
E 3 HOH 27 79 79 HOH HOH B . 
E 3 HOH 28 85 85 HOH HOH B . 
E 3 HOH 29 88 88 HOH HOH B . 
# 
_pdbx_struct_assembly.id                   1 
_pdbx_struct_assembly.details              author_defined_assembly 
_pdbx_struct_assembly.method_details       ? 
_pdbx_struct_assembly.oligomeric_details   dimeric 
_pdbx_struct_assembly.oligomeric_count     2 
# 
_pdbx_struct_assembly_gen.assembly_id       1 
_pdbx_struct_assembly_gen.oper_expression   1 
_pdbx_struct_assembly_gen.asym_id_list      A,B,C,D,E 
# 
_pdbx_struct_oper_list.id                   1 
_pdbx_struct_oper_list.type                 'identity operation' 
_pdbx_struct_oper_list.name                 1_555 
_pdbx_struct_oper_list.symmetry_operation   x,y,z 
_pdbx_struct_oper_list.matrix[1][1]         1.0000000000 
_pdbx_struct_oper_list.matrix[1][2]         0.0000000000 
_pdbx_struct_oper_list.matrix[1][3]         0.0000000000 
_pdbx_struct_oper_list.vector[1]            0.0000000000 
_pdbx_struct_oper_list.matrix[2][1]         0.0000000000 
_pdbx_struct_oper_list.matrix[2][2]         1.0000000000 
_pdbx_struct_oper_list.matrix[2][3]         0.0000000000 
_pdbx_struct_oper_list.vector[2]            0.0000000000 
_pdbx_struct_oper_list.matrix[3][1]         0.0000000000 
_pdbx_struct_oper_list.matrix[3][2]         0.0000000000 
_pdbx_struct_oper_list.matrix[3][3]         1.0000000000 
_pdbx_struct_oper_list.vector[3]            0.0000000000 
# 
loop_
_pdbx_audit_revision_history.ordinal 
_pdbx_audit_revision_history.data_content_type 
_pdbx_audit_revision_history.major_revision 
_pdbx_audit_revision_history.minor_revision 
_pdbx_audit_revision_history.revision_date 
1 'Structure model' 1 0 1995-03-31 
2 'Structure model' 1 1 2008-05-22 
3 'Structure model' 1 2 2011-07-13 
4 'Structure model' 1 3 2023-11-22 
# 
_pdbx_audit_revision_details.ordinal             1 
_pdbx_audit_revision_details.revision_ordinal    1 
_pdbx_audit_revision_details.data_content_type   'Structure model' 
_pdbx_audit_revision_details.provider            repository 
_pdbx_audit_revision_details.type                'Initial release' 
_pdbx_audit_revision_details.description         ? 
_pdbx_audit_revision_details.details             ? 
# 
loop_
_pdbx_audit_revision_group.ordinal 
_pdbx_audit_revision_group.revision_ordinal 
_pdbx_audit_revision_group.data_content_type 
_pdbx_audit_revision_group.group 
1 2 'Structure model' 'Version format compliance' 
2 3 'Structure model' 'Version format compliance' 
3 4 'Structure model' 'Data collection'           
4 4 'Structure model' 'Database references'       
5 4 'Structure model' 'Derived calculations'      
# 
loop_
_pdbx_audit_revision_category.ordinal 
_pdbx_audit_revision_category.revision_ordinal 
_pdbx_audit_revision_category.data_content_type 
_pdbx_audit_revision_category.category 
1 4 'Structure model' chem_comp_atom 
2 4 'Structure model' chem_comp_bond 
3 4 'Structure model' database_2     
4 4 'Structure model' struct_site    
# 
loop_
_pdbx_audit_revision_item.ordinal 
_pdbx_audit_revision_item.revision_ordinal 
_pdbx_audit_revision_item.data_content_type 
_pdbx_audit_revision_item.item 
1 4 'Structure model' '_database_2.pdbx_DOI'                
2 4 'Structure model' '_database_2.pdbx_database_accession' 
3 4 'Structure model' '_struct_site.pdbx_auth_asym_id'      
4 4 'Structure model' '_struct_site.pdbx_auth_comp_id'      
5 4 'Structure model' '_struct_site.pdbx_auth_seq_id'       
# 
loop_
_refine_B_iso.class 
_refine_B_iso.details 
_refine_B_iso.treatment 
_refine_B_iso.pdbx_refine_id 
'ALL ATOMS'  TR isotropic 'X-RAY DIFFRACTION' 
'ALL WATERS' TR isotropic 'X-RAY DIFFRACTION' 
# 
loop_
_refine_occupancy.class 
_refine_occupancy.treatment 
_refine_occupancy.pdbx_refine_id 
'ALL ATOMS'  fix 'X-RAY DIFFRACTION' 
'ALL WATERS' fix 'X-RAY DIFFRACTION' 
# 
_software.name             X-PLOR 
_software.classification   refinement 
_software.version          . 
_software.citation_id      ? 
_software.pdbx_ordinal     1 
# 
loop_
_pdbx_validate_rmsd_bond.id 
_pdbx_validate_rmsd_bond.PDB_model_num 
_pdbx_validate_rmsd_bond.auth_atom_id_1 
_pdbx_validate_rmsd_bond.auth_asym_id_1 
_pdbx_validate_rmsd_bond.auth_comp_id_1 
_pdbx_validate_rmsd_bond.auth_seq_id_1 
_pdbx_validate_rmsd_bond.PDB_ins_code_1 
_pdbx_validate_rmsd_bond.label_alt_id_1 
_pdbx_validate_rmsd_bond.auth_atom_id_2 
_pdbx_validate_rmsd_bond.auth_asym_id_2 
_pdbx_validate_rmsd_bond.auth_comp_id_2 
_pdbx_validate_rmsd_bond.auth_seq_id_2 
_pdbx_validate_rmsd_bond.PDB_ins_code_2 
_pdbx_validate_rmsd_bond.label_alt_id_2 
_pdbx_validate_rmsd_bond.bond_value 
_pdbx_validate_rmsd_bond.bond_target_value 
_pdbx_validate_rmsd_bond.bond_deviation 
_pdbx_validate_rmsd_bond.bond_standard_deviation 
_pdbx_validate_rmsd_bond.linker_flag 
1 1 P  B DC 12 ? ? "O5'" B DC 12 ? ? 1.660 1.593 0.067  0.010 N 
2 1 N7 B DG 19 ? ? C8    B DG 19 ? ? 1.268 1.305 -0.037 0.006 N 
# 
loop_
_pdbx_validate_rmsd_angle.id 
_pdbx_validate_rmsd_angle.PDB_model_num 
_pdbx_validate_rmsd_angle.auth_atom_id_1 
_pdbx_validate_rmsd_angle.auth_asym_id_1 
_pdbx_validate_rmsd_angle.auth_comp_id_1 
_pdbx_validate_rmsd_angle.auth_seq_id_1 
_pdbx_validate_rmsd_angle.PDB_ins_code_1 
_pdbx_validate_rmsd_angle.label_alt_id_1 
_pdbx_validate_rmsd_angle.auth_atom_id_2 
_pdbx_validate_rmsd_angle.auth_asym_id_2 
_pdbx_validate_rmsd_angle.auth_comp_id_2 
_pdbx_validate_rmsd_angle.auth_seq_id_2 
_pdbx_validate_rmsd_angle.PDB_ins_code_2 
_pdbx_validate_rmsd_angle.label_alt_id_2 
_pdbx_validate_rmsd_angle.auth_atom_id_3 
_pdbx_validate_rmsd_angle.auth_asym_id_3 
_pdbx_validate_rmsd_angle.auth_comp_id_3 
_pdbx_validate_rmsd_angle.auth_seq_id_3 
_pdbx_validate_rmsd_angle.PDB_ins_code_3 
_pdbx_validate_rmsd_angle.label_alt_id_3 
_pdbx_validate_rmsd_angle.angle_value 
_pdbx_validate_rmsd_angle.angle_target_value 
_pdbx_validate_rmsd_angle.angle_deviation 
_pdbx_validate_rmsd_angle.angle_standard_deviation 
_pdbx_validate_rmsd_angle.linker_flag 
1  1 "O3'" A C  1  ? ? P     A DC 2  ? ? "O5'" A DC 2  ? ? 121.02 104.00 17.02  1.90 Y 
2  1 "C4'" A DC 2  ? ? "C3'" A DC 2  ? ? "C2'" A DC 2  ? ? 97.99  102.20 -4.21  0.70 N 
3  1 "O4'" A DC 2  ? ? "C1'" A DC 2  ? ? N1    A DC 2  ? ? 111.45 108.30 3.15   0.30 N 
4  1 N1    A DC 2  ? ? C2    A DC 2  ? ? O2    A DC 2  ? ? 122.88 118.90 3.98   0.60 N 
5  1 "O3'" A DC 2  ? ? P     A DG 3  ? ? "O5'" A DG 3  ? ? 129.62 104.00 25.62  1.90 Y 
6  1 "C4'" A DG 3  ? ? "C3'" A DG 3  ? ? "C2'" A DG 3  ? ? 97.24  102.20 -4.96  0.70 N 
7  1 "O4'" A DG 3  ? ? "C1'" A DG 3  ? ? N9    A DG 3  ? ? 115.16 108.30 6.86   0.30 N 
8  1 "O3'" A DG 4  ? ? P     A DC 5  ? ? "O5'" A DC 5  ? ? 130.22 104.00 26.22  1.90 Y 
9  1 "O3'" A DG 4  ? ? P     A DC 5  ? ? OP1   A DC 5  ? ? 88.83  105.20 -16.37 2.20 Y 
10 1 "O4'" A DC 5  ? ? "C1'" A DC 5  ? ? N1    A DC 5  ? ? 110.51 108.30 2.21   0.30 N 
11 1 "O3'" A DC 5  ? ? P     A DG 6  ? ? OP2   A DG 6  ? ? 118.16 110.50 7.66   1.10 Y 
12 1 "C4'" A DG 6  ? ? "C3'" A DG 6  ? ? "C2'" A DG 6  ? ? 97.09  102.20 -5.11  0.70 N 
13 1 "O4'" A DC 7  ? ? "C1'" A DC 7  ? ? N1    A DC 7  ? ? 115.10 108.30 6.80   0.30 N 
14 1 "C4'" A DC 8  ? ? "C3'" A DC 8  ? ? "C2'" A DC 8  ? ? 95.10  102.20 -7.10  0.70 N 
15 1 "O4'" A DC 8  ? ? "C1'" A DC 8  ? ? N1    A DC 8  ? ? 110.85 108.30 2.55   0.30 N 
16 1 "O3'" A DC 8  ? ? P     A DG 9  ? ? OP2   A DG 9  ? ? 123.20 110.50 12.70  1.10 Y 
17 1 "O3'" A DC 8  ? ? P     A DG 9  ? ? OP1   A DG 9  ? ? 91.81  105.20 -13.39 2.20 Y 
18 1 "O4'" A DG 9  ? ? "C4'" A DG 9  ? ? "C3'" A DG 9  ? ? 102.09 104.50 -2.41  0.40 N 
19 1 "C4'" A DG 9  ? ? "C3'" A DG 9  ? ? "C2'" A DG 9  ? ? 95.69  102.20 -6.51  0.70 N 
20 1 "O4'" A DG 9  ? ? "C1'" A DG 9  ? ? "C2'" A DG 9  ? ? 99.35  105.90 -6.55  0.80 N 
21 1 "O4'" A DG 9  ? ? "C1'" A DG 9  ? ? N9    A DG 9  ? ? 113.89 108.30 5.59   0.30 N 
22 1 C8    A DG 9  ? ? N9    A DG 9  ? ? C4    A DG 9  ? ? 103.40 106.40 -3.00  0.40 N 
23 1 "O3'" A DG 9  ? ? P     A G  10 ? ? "O5'" A G  10 ? ? 85.49  104.00 -18.51 1.90 Y 
24 1 "O3'" A DG 9  ? ? P     A G  10 ? ? OP2   A G  10 ? ? 138.90 110.50 28.40  1.10 Y 
25 1 "O3'" A DG 9  ? ? P     A G  10 ? ? OP1   A G  10 ? ? 88.74  105.20 -16.46 2.20 Y 
26 1 "O3'" B C  11 ? ? P     B DC 12 ? ? OP2   B DC 12 ? ? 133.47 110.50 22.97  1.10 Y 
27 1 "O3'" B C  11 ? ? P     B DC 12 ? ? OP1   B DC 12 ? ? 85.11  105.20 -20.09 2.20 Y 
28 1 "O4'" B DC 12 ? ? "C1'" B DC 12 ? ? N1    B DC 12 ? ? 112.79 108.30 4.49   0.30 N 
29 1 N1    B DC 12 ? ? C2    B DC 12 ? ? O2    B DC 12 ? ? 123.33 118.90 4.43   0.60 N 
30 1 "O3'" B DC 12 ? ? P     B DG 13 ? ? "O5'" B DG 13 ? ? 121.89 104.00 17.89  1.90 Y 
31 1 "O4'" B DG 13 ? ? "C1'" B DG 13 ? ? N9    B DG 13 ? ? 110.28 108.30 1.98   0.30 N 
32 1 "O3'" B DG 13 ? ? P     B DG 14 ? ? OP2   B DG 14 ? ? 117.30 110.50 6.80   1.10 Y 
33 1 "C4'" B DG 14 ? ? "C3'" B DG 14 ? ? "C2'" B DG 14 ? ? 97.53  102.20 -4.67  0.70 N 
34 1 "O3'" B DG 14 ? ? P     B DC 15 ? ? OP2   B DC 15 ? ? 120.78 110.50 10.28  1.10 Y 
35 1 "O4'" B DC 15 ? ? "C1'" B DC 15 ? ? N1    B DC 15 ? ? 112.55 108.30 4.25   0.30 N 
36 1 N1    B DC 15 ? ? C2    B DC 15 ? ? O2    B DC 15 ? ? 122.87 118.90 3.97   0.60 N 
37 1 "C3'" B DC 15 ? ? "O3'" B DC 15 ? ? P     B DG 16 ? ? 110.86 119.70 -8.84  1.20 Y 
38 1 "O3'" B DC 15 ? ? P     B DG 16 ? ? "O5'" B DG 16 ? ? 135.42 104.00 31.42  1.90 Y 
39 1 "O3'" B DC 15 ? ? P     B DG 16 ? ? OP1   B DG 16 ? ? 86.77  105.20 -18.43 2.20 Y 
40 1 "C4'" B DG 16 ? ? "C3'" B DG 16 ? ? "C2'" B DG 16 ? ? 94.16  102.20 -8.04  0.70 N 
41 1 "O3'" B DG 16 ? ? P     B DC 17 ? ? OP1   B DC 17 ? ? 81.47  105.20 -23.73 2.20 Y 
42 1 "O4'" B DC 17 ? ? "C1'" B DC 17 ? ? N1    B DC 17 ? ? 113.05 108.30 4.75   0.30 N 
43 1 "O3'" B DC 17 ? ? P     B DC 18 ? ? OP2   B DC 18 ? ? 122.55 110.50 12.05  1.10 Y 
44 1 N1    B DC 18 ? ? C2    B DC 18 ? ? O2    B DC 18 ? ? 123.42 118.90 4.52   0.60 N 
45 1 "O3'" B DC 18 ? ? P     B DG 19 ? ? OP1   B DG 19 ? ? 86.66  105.20 -18.54 2.20 Y 
46 1 "O4'" B DG 19 ? ? "C4'" B DG 19 ? ? "C3'" B DG 19 ? ? 102.00 104.50 -2.50  0.40 N 
# 
loop_
_pdbx_validate_planes.id 
_pdbx_validate_planes.PDB_model_num 
_pdbx_validate_planes.auth_comp_id 
_pdbx_validate_planes.auth_asym_id 
_pdbx_validate_planes.auth_seq_id 
_pdbx_validate_planes.PDB_ins_code 
_pdbx_validate_planes.label_alt_id 
_pdbx_validate_planes.rmsd 
_pdbx_validate_planes.type 
1 1 C  A 1  ? ? 0.067 'SIDE CHAIN' 
2 1 DG A 3  ? ? 0.099 'SIDE CHAIN' 
3 1 DG A 4  ? ? 0.081 'SIDE CHAIN' 
4 1 DG A 6  ? ? 0.066 'SIDE CHAIN' 
5 1 C  B 11 ? ? 0.073 'SIDE CHAIN' 
6 1 DG B 14 ? ? 0.093 'SIDE CHAIN' 
7 1 DC B 15 ? ? 0.080 'SIDE CHAIN' 
# 
loop_
_chem_comp_atom.comp_id 
_chem_comp_atom.atom_id 
_chem_comp_atom.type_symbol 
_chem_comp_atom.pdbx_aromatic_flag 
_chem_comp_atom.pdbx_stereo_config 
_chem_comp_atom.pdbx_ordinal 
C   OP3    O N N 1   
C   P      P N N 2   
C   OP1    O N N 3   
C   OP2    O N N 4   
C   "O5'"  O N N 5   
C   "C5'"  C N N 6   
C   "C4'"  C N R 7   
C   "O4'"  O N N 8   
C   "C3'"  C N S 9   
C   "O3'"  O N N 10  
C   "C2'"  C N R 11  
C   "O2'"  O N N 12  
C   "C1'"  C N R 13  
C   N1     N N N 14  
C   C2     C N N 15  
C   O2     O N N 16  
C   N3     N N N 17  
C   C4     C N N 18  
C   N4     N N N 19  
C   C5     C N N 20  
C   C6     C N N 21  
C   HOP3   H N N 22  
C   HOP2   H N N 23  
C   "H5'"  H N N 24  
C   "H5''" H N N 25  
C   "H4'"  H N N 26  
C   "H3'"  H N N 27  
C   "HO3'" H N N 28  
C   "H2'"  H N N 29  
C   "HO2'" H N N 30  
C   "H1'"  H N N 31  
C   H41    H N N 32  
C   H42    H N N 33  
C   H5     H N N 34  
C   H6     H N N 35  
DC  OP3    O N N 36  
DC  P      P N N 37  
DC  OP1    O N N 38  
DC  OP2    O N N 39  
DC  "O5'"  O N N 40  
DC  "C5'"  C N N 41  
DC  "C4'"  C N R 42  
DC  "O4'"  O N N 43  
DC  "C3'"  C N S 44  
DC  "O3'"  O N N 45  
DC  "C2'"  C N N 46  
DC  "C1'"  C N R 47  
DC  N1     N N N 48  
DC  C2     C N N 49  
DC  O2     O N N 50  
DC  N3     N N N 51  
DC  C4     C N N 52  
DC  N4     N N N 53  
DC  C5     C N N 54  
DC  C6     C N N 55  
DC  HOP3   H N N 56  
DC  HOP2   H N N 57  
DC  "H5'"  H N N 58  
DC  "H5''" H N N 59  
DC  "H4'"  H N N 60  
DC  "H3'"  H N N 61  
DC  "HO3'" H N N 62  
DC  "H2'"  H N N 63  
DC  "H2''" H N N 64  
DC  "H1'"  H N N 65  
DC  H41    H N N 66  
DC  H42    H N N 67  
DC  H5     H N N 68  
DC  H6     H N N 69  
DG  OP3    O N N 70  
DG  P      P N N 71  
DG  OP1    O N N 72  
DG  OP2    O N N 73  
DG  "O5'"  O N N 74  
DG  "C5'"  C N N 75  
DG  "C4'"  C N R 76  
DG  "O4'"  O N N 77  
DG  "C3'"  C N S 78  
DG  "O3'"  O N N 79  
DG  "C2'"  C N N 80  
DG  "C1'"  C N R 81  
DG  N9     N Y N 82  
DG  C8     C Y N 83  
DG  N7     N Y N 84  
DG  C5     C Y N 85  
DG  C6     C N N 86  
DG  O6     O N N 87  
DG  N1     N N N 88  
DG  C2     C N N 89  
DG  N2     N N N 90  
DG  N3     N N N 91  
DG  C4     C Y N 92  
DG  HOP3   H N N 93  
DG  HOP2   H N N 94  
DG  "H5'"  H N N 95  
DG  "H5''" H N N 96  
DG  "H4'"  H N N 97  
DG  "H3'"  H N N 98  
DG  "HO3'" H N N 99  
DG  "H2'"  H N N 100 
DG  "H2''" H N N 101 
DG  "H1'"  H N N 102 
DG  H8     H N N 103 
DG  H1     H N N 104 
DG  H21    H N N 105 
DG  H22    H N N 106 
G   OP3    O N N 107 
G   P      P N N 108 
G   OP1    O N N 109 
G   OP2    O N N 110 
G   "O5'"  O N N 111 
G   "C5'"  C N N 112 
G   "C4'"  C N R 113 
G   "O4'"  O N N 114 
G   "C3'"  C N S 115 
G   "O3'"  O N N 116 
G   "C2'"  C N R 117 
G   "O2'"  O N N 118 
G   "C1'"  C N R 119 
G   N9     N Y N 120 
G   C8     C Y N 121 
G   N7     N Y N 122 
G   C5     C Y N 123 
G   C6     C N N 124 
G   O6     O N N 125 
G   N1     N N N 126 
G   C2     C N N 127 
G   N2     N N N 128 
G   N3     N N N 129 
G   C4     C Y N 130 
G   HOP3   H N N 131 
G   HOP2   H N N 132 
G   "H5'"  H N N 133 
G   "H5''" H N N 134 
G   "H4'"  H N N 135 
G   "H3'"  H N N 136 
G   "HO3'" H N N 137 
G   "H2'"  H N N 138 
G   "HO2'" H N N 139 
G   "H1'"  H N N 140 
G   H8     H N N 141 
G   H1     H N N 142 
G   H21    H N N 143 
G   H22    H N N 144 
HOH O      O N N 145 
HOH H1     H N N 146 
HOH H2     H N N 147 
SPM N1     N N N 148 
SPM C2     C N N 149 
SPM C3     C N N 150 
SPM C4     C N N 151 
SPM N5     N N N 152 
SPM C6     C N N 153 
SPM C7     C N N 154 
SPM C8     C N N 155 
SPM C9     C N N 156 
SPM N10    N N N 157 
SPM C11    C N N 158 
SPM C12    C N N 159 
SPM C13    C N N 160 
SPM N14    N N N 161 
SPM HN11   H N N 162 
SPM HN12   H N N 163 
SPM H21    H N N 164 
SPM H22    H N N 165 
SPM H31    H N N 166 
SPM H32    H N N 167 
SPM H41    H N N 168 
SPM H42    H N N 169 
SPM HN5    H N N 170 
SPM H61    H N N 171 
SPM H62    H N N 172 
SPM H71    H N N 173 
SPM H72    H N N 174 
SPM H81    H N N 175 
SPM H82    H N N 176 
SPM H91    H N N 177 
SPM H92    H N N 178 
SPM HN0    H N N 179 
SPM H111   H N N 180 
SPM H112   H N N 181 
SPM H121   H N N 182 
SPM H122   H N N 183 
SPM H131   H N N 184 
SPM H132   H N N 185 
SPM HN41   H N N 186 
SPM HN42   H N N 187 
# 
loop_
_chem_comp_bond.comp_id 
_chem_comp_bond.atom_id_1 
_chem_comp_bond.atom_id_2 
_chem_comp_bond.value_order 
_chem_comp_bond.pdbx_aromatic_flag 
_chem_comp_bond.pdbx_stereo_config 
_chem_comp_bond.pdbx_ordinal 
C   OP3   P      sing N N 1   
C   OP3   HOP3   sing N N 2   
C   P     OP1    doub N N 3   
C   P     OP2    sing N N 4   
C   P     "O5'"  sing N N 5   
C   OP2   HOP2   sing N N 6   
C   "O5'" "C5'"  sing N N 7   
C   "C5'" "C4'"  sing N N 8   
C   "C5'" "H5'"  sing N N 9   
C   "C5'" "H5''" sing N N 10  
C   "C4'" "O4'"  sing N N 11  
C   "C4'" "C3'"  sing N N 12  
C   "C4'" "H4'"  sing N N 13  
C   "O4'" "C1'"  sing N N 14  
C   "C3'" "O3'"  sing N N 15  
C   "C3'" "C2'"  sing N N 16  
C   "C3'" "H3'"  sing N N 17  
C   "O3'" "HO3'" sing N N 18  
C   "C2'" "O2'"  sing N N 19  
C   "C2'" "C1'"  sing N N 20  
C   "C2'" "H2'"  sing N N 21  
C   "O2'" "HO2'" sing N N 22  
C   "C1'" N1     sing N N 23  
C   "C1'" "H1'"  sing N N 24  
C   N1    C2     sing N N 25  
C   N1    C6     sing N N 26  
C   C2    O2     doub N N 27  
C   C2    N3     sing N N 28  
C   N3    C4     doub N N 29  
C   C4    N4     sing N N 30  
C   C4    C5     sing N N 31  
C   N4    H41    sing N N 32  
C   N4    H42    sing N N 33  
C   C5    C6     doub N N 34  
C   C5    H5     sing N N 35  
C   C6    H6     sing N N 36  
DC  OP3   P      sing N N 37  
DC  OP3   HOP3   sing N N 38  
DC  P     OP1    doub N N 39  
DC  P     OP2    sing N N 40  
DC  P     "O5'"  sing N N 41  
DC  OP2   HOP2   sing N N 42  
DC  "O5'" "C5'"  sing N N 43  
DC  "C5'" "C4'"  sing N N 44  
DC  "C5'" "H5'"  sing N N 45  
DC  "C5'" "H5''" sing N N 46  
DC  "C4'" "O4'"  sing N N 47  
DC  "C4'" "C3'"  sing N N 48  
DC  "C4'" "H4'"  sing N N 49  
DC  "O4'" "C1'"  sing N N 50  
DC  "C3'" "O3'"  sing N N 51  
DC  "C3'" "C2'"  sing N N 52  
DC  "C3'" "H3'"  sing N N 53  
DC  "O3'" "HO3'" sing N N 54  
DC  "C2'" "C1'"  sing N N 55  
DC  "C2'" "H2'"  sing N N 56  
DC  "C2'" "H2''" sing N N 57  
DC  "C1'" N1     sing N N 58  
DC  "C1'" "H1'"  sing N N 59  
DC  N1    C2     sing N N 60  
DC  N1    C6     sing N N 61  
DC  C2    O2     doub N N 62  
DC  C2    N3     sing N N 63  
DC  N3    C4     doub N N 64  
DC  C4    N4     sing N N 65  
DC  C4    C5     sing N N 66  
DC  N4    H41    sing N N 67  
DC  N4    H42    sing N N 68  
DC  C5    C6     doub N N 69  
DC  C5    H5     sing N N 70  
DC  C6    H6     sing N N 71  
DG  OP3   P      sing N N 72  
DG  OP3   HOP3   sing N N 73  
DG  P     OP1    doub N N 74  
DG  P     OP2    sing N N 75  
DG  P     "O5'"  sing N N 76  
DG  OP2   HOP2   sing N N 77  
DG  "O5'" "C5'"  sing N N 78  
DG  "C5'" "C4'"  sing N N 79  
DG  "C5'" "H5'"  sing N N 80  
DG  "C5'" "H5''" sing N N 81  
DG  "C4'" "O4'"  sing N N 82  
DG  "C4'" "C3'"  sing N N 83  
DG  "C4'" "H4'"  sing N N 84  
DG  "O4'" "C1'"  sing N N 85  
DG  "C3'" "O3'"  sing N N 86  
DG  "C3'" "C2'"  sing N N 87  
DG  "C3'" "H3'"  sing N N 88  
DG  "O3'" "HO3'" sing N N 89  
DG  "C2'" "C1'"  sing N N 90  
DG  "C2'" "H2'"  sing N N 91  
DG  "C2'" "H2''" sing N N 92  
DG  "C1'" N9     sing N N 93  
DG  "C1'" "H1'"  sing N N 94  
DG  N9    C8     sing Y N 95  
DG  N9    C4     sing Y N 96  
DG  C8    N7     doub Y N 97  
DG  C8    H8     sing N N 98  
DG  N7    C5     sing Y N 99  
DG  C5    C6     sing N N 100 
DG  C5    C4     doub Y N 101 
DG  C6    O6     doub N N 102 
DG  C6    N1     sing N N 103 
DG  N1    C2     sing N N 104 
DG  N1    H1     sing N N 105 
DG  C2    N2     sing N N 106 
DG  C2    N3     doub N N 107 
DG  N2    H21    sing N N 108 
DG  N2    H22    sing N N 109 
DG  N3    C4     sing N N 110 
G   OP3   P      sing N N 111 
G   OP3   HOP3   sing N N 112 
G   P     OP1    doub N N 113 
G   P     OP2    sing N N 114 
G   P     "O5'"  sing N N 115 
G   OP2   HOP2   sing N N 116 
G   "O5'" "C5'"  sing N N 117 
G   "C5'" "C4'"  sing N N 118 
G   "C5'" "H5'"  sing N N 119 
G   "C5'" "H5''" sing N N 120 
G   "C4'" "O4'"  sing N N 121 
G   "C4'" "C3'"  sing N N 122 
G   "C4'" "H4'"  sing N N 123 
G   "O4'" "C1'"  sing N N 124 
G   "C3'" "O3'"  sing N N 125 
G   "C3'" "C2'"  sing N N 126 
G   "C3'" "H3'"  sing N N 127 
G   "O3'" "HO3'" sing N N 128 
G   "C2'" "O2'"  sing N N 129 
G   "C2'" "C1'"  sing N N 130 
G   "C2'" "H2'"  sing N N 131 
G   "O2'" "HO2'" sing N N 132 
G   "C1'" N9     sing N N 133 
G   "C1'" "H1'"  sing N N 134 
G   N9    C8     sing Y N 135 
G   N9    C4     sing Y N 136 
G   C8    N7     doub Y N 137 
G   C8    H8     sing N N 138 
G   N7    C5     sing Y N 139 
G   C5    C6     sing N N 140 
G   C5    C4     doub Y N 141 
G   C6    O6     doub N N 142 
G   C6    N1     sing N N 143 
G   N1    C2     sing N N 144 
G   N1    H1     sing N N 145 
G   C2    N2     sing N N 146 
G   C2    N3     doub N N 147 
G   N2    H21    sing N N 148 
G   N2    H22    sing N N 149 
G   N3    C4     sing N N 150 
HOH O     H1     sing N N 151 
HOH O     H2     sing N N 152 
SPM N1    C2     sing N N 153 
SPM N1    HN11   sing N N 154 
SPM N1    HN12   sing N N 155 
SPM C2    C3     sing N N 156 
SPM C2    H21    sing N N 157 
SPM C2    H22    sing N N 158 
SPM C3    C4     sing N N 159 
SPM C3    H31    sing N N 160 
SPM C3    H32    sing N N 161 
SPM C4    N5     sing N N 162 
SPM C4    H41    sing N N 163 
SPM C4    H42    sing N N 164 
SPM N5    C6     sing N N 165 
SPM N5    HN5    sing N N 166 
SPM C6    C7     sing N N 167 
SPM C6    H61    sing N N 168 
SPM C6    H62    sing N N 169 
SPM C7    C8     sing N N 170 
SPM C7    H71    sing N N 171 
SPM C7    H72    sing N N 172 
SPM C8    C9     sing N N 173 
SPM C8    H81    sing N N 174 
SPM C8    H82    sing N N 175 
SPM C9    N10    sing N N 176 
SPM C9    H91    sing N N 177 
SPM C9    H92    sing N N 178 
SPM N10   C11    sing N N 179 
SPM N10   HN0    sing N N 180 
SPM C11   C12    sing N N 181 
SPM C11   H111   sing N N 182 
SPM C11   H112   sing N N 183 
SPM C12   C13    sing N N 184 
SPM C12   H121   sing N N 185 
SPM C12   H122   sing N N 186 
SPM C13   N14    sing N N 187 
SPM C13   H131   sing N N 188 
SPM C13   H132   sing N N 189 
SPM N14   HN41   sing N N 190 
SPM N14   HN42   sing N N 191 
# 
_ndb_struct_conf_na.entry_id   100D 
_ndb_struct_conf_na.feature    'a-form double helix' 
# 
loop_
_ndb_struct_na_base_pair.model_number 
_ndb_struct_na_base_pair.i_label_asym_id 
_ndb_struct_na_base_pair.i_label_comp_id 
_ndb_struct_na_base_pair.i_label_seq_id 
_ndb_struct_na_base_pair.i_symmetry 
_ndb_struct_na_base_pair.j_label_asym_id 
_ndb_struct_na_base_pair.j_label_comp_id 
_ndb_struct_na_base_pair.j_label_seq_id 
_ndb_struct_na_base_pair.j_symmetry 
_ndb_struct_na_base_pair.shear 
_ndb_struct_na_base_pair.stretch 
_ndb_struct_na_base_pair.stagger 
_ndb_struct_na_base_pair.buckle 
_ndb_struct_na_base_pair.propeller 
_ndb_struct_na_base_pair.opening 
_ndb_struct_na_base_pair.pair_number 
_ndb_struct_na_base_pair.pair_name 
_ndb_struct_na_base_pair.i_auth_asym_id 
_ndb_struct_na_base_pair.i_auth_seq_id 
_ndb_struct_na_base_pair.i_PDB_ins_code 
_ndb_struct_na_base_pair.j_auth_asym_id 
_ndb_struct_na_base_pair.j_auth_seq_id 
_ndb_struct_na_base_pair.j_PDB_ins_code 
_ndb_struct_na_base_pair.hbond_type_28 
_ndb_struct_na_base_pair.hbond_type_12 
1 A C  1  1_555 B G  10 1_555 0.068  -0.095 0.037  3.919  -8.782  -0.903 1  A_C1:G20_B   A 1  ? B 20 ? 19 1 
1 A DC 2  1_555 B DG 9  1_555 -0.021 -0.169 -0.062 4.832  -9.564  -1.893 2  A_DC2:DG19_B A 2  ? B 19 ? 19 1 
1 A DG 3  1_555 B DC 8  1_555 -0.348 -0.155 -0.041 2.657  -10.586 1.384  3  A_DG3:DC18_B A 3  ? B 18 ? 19 1 
1 A DG 4  1_555 B DC 7  1_555 -0.240 -0.199 0.090  -2.069 -10.899 0.439  4  A_DG4:DC17_B A 4  ? B 17 ? 19 1 
1 A DC 5  1_555 B DG 6  1_555 0.378  -0.309 0.399  3.577  -12.554 -0.990 5  A_DC5:DG16_B A 5  ? B 16 ? 19 1 
1 A DG 6  1_555 B DC 5  1_555 -0.161 0.050  0.030  -1.641 -16.837 0.002  6  A_DG6:DC15_B A 6  ? B 15 ? 19 1 
1 A DC 7  1_555 B DG 4  1_555 0.418  -0.258 -0.101 2.693  -7.278  0.662  7  A_DC7:DG14_B A 7  ? B 14 ? 19 1 
1 A DC 8  1_555 B DG 3  1_555 0.529  -0.125 -0.142 2.563  -6.749  2.313  8  A_DC8:DG13_B A 8  ? B 13 ? 19 1 
1 A DG 9  1_555 B DC 2  1_555 -0.089 -0.141 -0.088 -3.824 -2.749  0.304  9  A_DG9:DC12_B A 9  ? B 12 ? 19 1 
1 A G  10 1_555 B C  1  1_555 -0.264 -0.410 -0.028 -0.154 -5.956  -3.321 10 A_G10:C11_B  A 10 ? B 11 ? 19 1 
# 
loop_
_ndb_struct_na_base_pair_step.model_number 
_ndb_struct_na_base_pair_step.i_label_asym_id_1 
_ndb_struct_na_base_pair_step.i_label_comp_id_1 
_ndb_struct_na_base_pair_step.i_label_seq_id_1 
_ndb_struct_na_base_pair_step.i_symmetry_1 
_ndb_struct_na_base_pair_step.j_label_asym_id_1 
_ndb_struct_na_base_pair_step.j_label_comp_id_1 
_ndb_struct_na_base_pair_step.j_label_seq_id_1 
_ndb_struct_na_base_pair_step.j_symmetry_1 
_ndb_struct_na_base_pair_step.i_label_asym_id_2 
_ndb_struct_na_base_pair_step.i_label_comp_id_2 
_ndb_struct_na_base_pair_step.i_label_seq_id_2 
_ndb_struct_na_base_pair_step.i_symmetry_2 
_ndb_struct_na_base_pair_step.j_label_asym_id_2 
_ndb_struct_na_base_pair_step.j_label_comp_id_2 
_ndb_struct_na_base_pair_step.j_label_seq_id_2 
_ndb_struct_na_base_pair_step.j_symmetry_2 
_ndb_struct_na_base_pair_step.shift 
_ndb_struct_na_base_pair_step.slide 
_ndb_struct_na_base_pair_step.rise 
_ndb_struct_na_base_pair_step.tilt 
_ndb_struct_na_base_pair_step.roll 
_ndb_struct_na_base_pair_step.twist 
_ndb_struct_na_base_pair_step.x_displacement 
_ndb_struct_na_base_pair_step.y_displacement 
_ndb_struct_na_base_pair_step.helical_rise 
_ndb_struct_na_base_pair_step.inclination 
_ndb_struct_na_base_pair_step.tip 
_ndb_struct_na_base_pair_step.helical_twist 
_ndb_struct_na_base_pair_step.step_number 
_ndb_struct_na_base_pair_step.step_name 
_ndb_struct_na_base_pair_step.i_auth_asym_id_1 
_ndb_struct_na_base_pair_step.i_auth_seq_id_1 
_ndb_struct_na_base_pair_step.i_PDB_ins_code_1 
_ndb_struct_na_base_pair_step.j_auth_asym_id_1 
_ndb_struct_na_base_pair_step.j_auth_seq_id_1 
_ndb_struct_na_base_pair_step.j_PDB_ins_code_1 
_ndb_struct_na_base_pair_step.i_auth_asym_id_2 
_ndb_struct_na_base_pair_step.i_auth_seq_id_2 
_ndb_struct_na_base_pair_step.i_PDB_ins_code_2 
_ndb_struct_na_base_pair_step.j_auth_asym_id_2 
_ndb_struct_na_base_pair_step.j_auth_seq_id_2 
_ndb_struct_na_base_pair_step.j_PDB_ins_code_2 
1 A C  1 1_555 B G  10 1_555 A DC 2  1_555 B DG 9 1_555 0.040  -1.686 3.311 -0.715 6.534  34.027 -3.803 -0.173 2.945 11.038 1.208  
34.638 1 AA_C1DC2:DG19G20_BB   A 1 ? B 20 ? A 2  ? B 19 ? 
1 A DC 2 1_555 B DG 9  1_555 A DG 3  1_555 B DC 8 1_555 0.000  -1.769 3.309 -0.726 8.403  28.481 -5.108 -0.143 2.688 16.624 1.437  
29.679 2 AA_DC2DG3:DC18DG19_BB A 2 ? B 19 ? A 3  ? B 18 ? 
1 A DG 3 1_555 B DC 8  1_555 A DG 4  1_555 B DC 7 1_555 -1.609 -1.437 3.251 -8.538 9.618  35.932 -3.417 1.386  3.071 15.011 13.325 
38.092 3 AA_DG3DG4:DC17DC18_BB A 3 ? B 18 ? A 4  ? B 17 ? 
1 A DG 4 1_555 B DC 7  1_555 A DC 5  1_555 B DG 6 1_555 0.941  -0.969 3.240 -0.966 7.094  31.290 -2.972 -1.869 2.926 12.940 1.763  
32.079 4 AA_DG4DC5:DG16DC17_BB A 4 ? B 17 ? A 5  ? B 16 ? 
1 A DC 5 1_555 B DG 6  1_555 A DG 6  1_555 B DC 5 1_555 -0.884 -1.643 3.156 0.897  18.609 30.581 -4.919 1.549  1.858 31.845 -1.535 
35.693 5 AA_DC5DG6:DC15DG16_BB A 5 ? B 16 ? A 6  ? B 15 ? 
1 A DG 6 1_555 B DC 5  1_555 A DC 7  1_555 B DG 4 1_555 0.957  -1.199 3.257 3.304  5.983  34.363 -2.875 -1.104 3.087 10.004 -5.525 
35.016 6 AA_DG6DC7:DG14DC15_BB A 6 ? B 15 ? A 7  ? B 14 ? 
1 A DC 7 1_555 B DG 4  1_555 A DC 8  1_555 B DG 3 1_555 0.507  -1.915 3.362 0.387  4.601  28.150 -4.919 -0.943 3.024 9.380  -0.790 
28.519 7 AA_DC7DC8:DG13DG14_BB A 7 ? B 14 ? A 8  ? B 13 ? 
1 A DC 8 1_555 B DG 3  1_555 A DG 9  1_555 B DC 2 1_555 -0.715 -2.331 3.651 -0.639 2.677  23.690 -6.586 1.504  3.388 6.493  1.549  
23.847 8 AA_DC8DG9:DC12DG13_BB A 8 ? B 13 ? A 9  ? B 12 ? 
1 A DG 9 1_555 B DC 2  1_555 A G  10 1_555 B C  1 1_555 -0.253 -1.970 3.408 1.317  2.100  30.122 -4.213 0.758  3.253 4.033  -2.528 
30.221 9 AA_DG9G10:C11DC12_BB  A 9 ? B 12 ? A 10 ? B 11 ? 
# 
loop_
_pdbx_entity_nonpoly.entity_id 
_pdbx_entity_nonpoly.name 
_pdbx_entity_nonpoly.comp_id 
2 SPERMINE SPM 
3 water    HOH 
# 
